data_6GGM
#
_entry.id   6GGM
#
_cell.length_a   60.930
_cell.length_b   66.041
_cell.length_c   72.104
_cell.angle_alpha   102.30
_cell.angle_beta   101.22
_cell.angle_gamma   109.70
#
_symmetry.space_group_name_H-M   'P 1'
#
loop_
_entity.id
_entity.type
_entity.pdbx_description
1 polymer 'MHC class I antigen'
2 polymer Beta-2-microglobulin
3 polymer 'Mtb44*P2-Phe peptide variant (ARG-PHE-PRO-ALA-LYS-ALA-PRO-LEU-LEU)'
4 non-polymer 'ZINC ION'
5 non-polymer 'SULFATE ION'
6 water water
#
loop_
_entity_poly.entity_id
_entity_poly.type
_entity_poly.pdbx_seq_one_letter_code
_entity_poly.pdbx_strand_id
1 'polypeptide(L)'
;GSHSLKYFHTSVSRPGRGEPRFISVGYVDDTQFVRFDNDAASPRMVPRAPWMEQEGSEYWDRETRSARDTAQIFRVNLRT
LRGYYNQSEAGSHTLQWMHGCELGPDGRFLRGYEQFAYDGKDYLTLNEDLRSWTAVDTAAQISEQKSNDASEAEHQRAYL
EDTCVEWLHKYLEKGKETLLHLEPPKTHVTHHPISDHEATLRCWALGFYPAEITLTWQQDGEGHTQDTELVETRPAGDGT
FQKWAAVVVPSGEEQRYTCHVQHEGLPEPVTLRW
;
A,C
2 'polypeptide(L)'
;MIQRTPKIQVYSRHPAENGKSNFLNCYVSGFHPSDIEVDLLKNGERIEKVEHSDLSFSKDWSFYLLYYTEFTPTEKDEYA
CRVNHVTLSQPKIVKWDRDM
;
B,D
3 'polypeptide(L)' RFPAKAPLL P,Q
#
# COMPACT_ATOMS: atom_id res chain seq x y z
N GLY A 1 2.41 18.20 13.82
CA GLY A 1 3.60 18.13 12.99
C GLY A 1 3.73 19.30 12.02
N SER A 2 4.96 19.61 11.61
CA SER A 2 5.18 20.66 10.64
C SER A 2 4.74 20.22 9.25
N HIS A 3 4.41 21.19 8.40
CA HIS A 3 4.02 20.91 7.02
C HIS A 3 4.53 22.00 6.10
N SER A 4 4.49 21.72 4.80
CA SER A 4 5.00 22.69 3.85
C SER A 4 4.34 22.49 2.50
N LEU A 5 4.13 23.60 1.81
CA LEU A 5 3.67 23.63 0.43
C LEU A 5 4.81 24.17 -0.43
N LYS A 6 5.25 23.37 -1.40
CA LYS A 6 6.38 23.74 -2.25
C LYS A 6 6.03 23.51 -3.71
N TYR A 7 6.59 24.35 -4.57
CA TYR A 7 6.47 24.24 -6.01
C TYR A 7 7.86 24.26 -6.61
N PHE A 8 8.07 23.45 -7.66
CA PHE A 8 9.34 23.34 -8.34
C PHE A 8 9.12 23.56 -9.84
N HIS A 9 9.70 24.62 -10.38
CA HIS A 9 9.51 24.99 -11.77
C HIS A 9 10.80 24.79 -12.56
N THR A 10 10.67 24.31 -13.79
CA THR A 10 11.78 24.06 -14.69
C THR A 10 11.44 24.59 -16.07
N SER A 11 12.36 25.36 -16.65
CA SER A 11 12.17 25.87 -18.00
C SER A 11 13.46 25.60 -18.77
N VAL A 12 13.34 24.93 -19.91
CA VAL A 12 14.49 24.57 -20.74
C VAL A 12 14.30 25.19 -22.12
N SER A 13 15.30 25.93 -22.59
CA SER A 13 15.21 26.58 -23.89
C SER A 13 15.45 25.58 -25.02
N ARG A 14 14.72 25.77 -26.13
CA ARG A 14 14.80 24.92 -27.31
C ARG A 14 15.23 25.75 -28.52
N PRO A 15 16.52 25.91 -28.73
CA PRO A 15 17.00 26.78 -29.82
C PRO A 15 16.50 26.35 -31.18
N GLY A 16 15.87 27.28 -31.89
CA GLY A 16 15.35 27.00 -33.21
C GLY A 16 14.00 26.31 -33.24
N ARG A 17 13.37 26.15 -32.08
CA ARG A 17 12.11 25.40 -31.99
C ARG A 17 11.05 26.16 -31.22
N GLY A 18 11.20 27.47 -31.05
CA GLY A 18 10.11 28.23 -30.47
C GLY A 18 10.12 28.20 -28.96
N GLU A 19 8.93 27.98 -28.40
CA GLU A 19 8.69 28.17 -26.97
C GLU A 19 9.54 27.20 -26.15
N PRO A 20 10.07 27.64 -25.01
CA PRO A 20 10.81 26.73 -24.13
C PRO A 20 9.88 25.77 -23.42
N ARG A 21 10.44 24.62 -23.03
CA ARG A 21 9.69 23.58 -22.35
C ARG A 21 9.57 23.91 -20.86
N PHE A 22 8.33 24.01 -20.38
CA PHE A 22 8.05 24.38 -19.00
C PHE A 22 7.32 23.25 -18.29
N ILE A 23 7.86 22.81 -17.15
CA ILE A 23 7.28 21.78 -16.32
C ILE A 23 7.25 22.26 -14.88
N SER A 24 6.12 22.08 -14.21
CA SER A 24 5.97 22.56 -12.84
C SER A 24 5.21 21.53 -12.02
N VAL A 25 5.71 21.24 -10.81
CA VAL A 25 5.06 20.29 -9.91
C VAL A 25 4.92 20.89 -8.53
N GLY A 26 3.83 20.53 -7.84
CA GLY A 26 3.56 21.00 -6.49
C GLY A 26 3.57 19.84 -5.51
N TYR A 27 4.08 20.10 -4.31
CA TYR A 27 4.18 19.09 -3.27
C TYR A 27 3.57 19.61 -1.97
N VAL A 28 2.83 18.75 -1.29
CA VAL A 28 2.53 18.93 0.13
C VAL A 28 3.36 17.89 0.86
N ASP A 29 4.34 18.36 1.65
CA ASP A 29 5.31 17.50 2.31
C ASP A 29 5.98 16.67 1.22
N ASP A 30 5.92 15.34 1.27
CA ASP A 30 6.53 14.50 0.24
C ASP A 30 5.50 13.92 -0.71
N THR A 31 4.36 14.59 -0.86
CA THR A 31 3.26 14.13 -1.71
C THR A 31 3.05 15.13 -2.83
N GLN A 32 3.43 14.76 -4.05
CA GLN A 32 3.08 15.59 -5.19
C GLN A 32 1.57 15.57 -5.41
N PHE A 33 0.98 16.73 -5.69
CA PHE A 33 -0.45 16.81 -5.89
C PHE A 33 -0.90 17.51 -7.17
N VAL A 34 -0.03 18.28 -7.83
CA VAL A 34 -0.38 18.93 -9.10
C VAL A 34 0.82 18.89 -10.04
N ARG A 35 0.53 19.04 -11.33
CA ARG A 35 1.54 19.13 -12.38
C ARG A 35 1.03 19.98 -13.53
N PHE A 36 1.91 20.81 -14.08
CA PHE A 36 1.65 21.52 -15.33
C PHE A 36 2.82 21.28 -16.28
N ASP A 37 2.50 20.85 -17.51
CA ASP A 37 3.50 20.63 -18.55
C ASP A 37 3.00 21.30 -19.82
N ASN A 38 3.74 22.29 -20.30
CA ASN A 38 3.31 23.11 -21.44
C ASN A 38 3.49 22.41 -22.79
N ASP A 39 3.92 21.15 -22.82
CA ASP A 39 4.10 20.43 -24.07
C ASP A 39 2.78 19.80 -24.50
N ALA A 40 1.86 20.67 -24.90
CA ALA A 40 0.54 20.27 -25.36
C ALA A 40 -0.08 21.43 -26.12
N ALA A 41 -1.21 21.16 -26.76
CA ALA A 41 -1.88 22.19 -27.55
C ALA A 41 -2.40 23.32 -26.67
N SER A 42 -3.15 22.98 -25.63
CA SER A 42 -3.62 23.94 -24.62
C SER A 42 -3.38 23.29 -23.26
N PRO A 43 -2.18 23.42 -22.71
CA PRO A 43 -1.82 22.69 -21.49
C PRO A 43 -2.57 23.19 -20.27
N ARG A 44 -2.89 22.26 -19.37
CA ARG A 44 -3.67 22.60 -18.18
C ARG A 44 -3.00 22.05 -16.93
N MET A 45 -3.27 22.71 -15.80
CA MET A 45 -2.93 22.15 -14.50
C MET A 45 -3.82 20.95 -14.22
N VAL A 46 -3.21 19.85 -13.78
CA VAL A 46 -3.95 18.61 -13.55
C VAL A 46 -3.67 18.08 -12.15
N PRO A 47 -4.57 17.30 -11.55
CA PRO A 47 -4.30 16.72 -10.24
C PRO A 47 -3.35 15.54 -10.33
N ARG A 48 -2.48 15.44 -9.32
CA ARG A 48 -1.52 14.34 -9.23
C ARG A 48 -1.66 13.57 -7.92
N ALA A 49 -2.73 13.81 -7.16
CA ALA A 49 -3.07 13.07 -5.96
C ALA A 49 -4.58 12.88 -5.93
N PRO A 50 -5.06 11.73 -5.42
CA PRO A 50 -6.51 11.46 -5.45
C PRO A 50 -7.37 12.49 -4.74
N TRP A 51 -6.90 13.05 -3.62
CA TRP A 51 -7.71 14.03 -2.92
C TRP A 51 -7.85 15.36 -3.67
N MET A 52 -7.18 15.52 -4.82
CA MET A 52 -7.30 16.73 -5.63
C MET A 52 -8.22 16.59 -6.82
N GLU A 53 -8.75 15.39 -7.09
CA GLU A 53 -9.61 15.22 -8.25
C GLU A 53 -11.08 15.43 -7.95
N GLN A 54 -11.39 16.13 -6.86
CA GLN A 54 -12.76 16.55 -6.56
C GLN A 54 -12.92 18.06 -6.74
N GLU A 55 -11.86 18.77 -7.14
CA GLU A 55 -11.89 20.22 -7.22
C GLU A 55 -12.61 20.70 -8.45
N GLY A 56 -13.28 21.85 -8.31
CA GLY A 56 -14.04 22.40 -9.41
C GLY A 56 -13.16 22.93 -10.53
N SER A 57 -13.78 23.10 -11.69
CA SER A 57 -13.03 23.63 -12.84
C SER A 57 -12.56 25.05 -12.64
N GLU A 58 -13.21 25.81 -11.76
CA GLU A 58 -12.76 27.17 -11.46
C GLU A 58 -11.35 27.14 -10.91
N TYR A 59 -11.04 26.19 -10.04
CA TYR A 59 -9.68 26.06 -9.51
C TYR A 59 -8.70 25.72 -10.64
N TRP A 60 -9.03 24.74 -11.46
CA TRP A 60 -8.10 24.33 -12.52
C TRP A 60 -7.93 25.40 -13.59
N ASP A 61 -8.99 26.14 -13.90
CA ASP A 61 -8.84 27.24 -14.85
C ASP A 61 -7.93 28.31 -14.29
N ARG A 62 -8.08 28.62 -13.00
CA ARG A 62 -7.24 29.61 -12.34
C ARG A 62 -5.78 29.18 -12.31
N GLU A 63 -5.53 27.90 -11.99
CA GLU A 63 -4.17 27.41 -11.96
C GLU A 63 -3.57 27.34 -13.36
N THR A 64 -4.38 26.98 -14.35
CA THR A 64 -3.88 26.94 -15.71
C THR A 64 -3.47 28.33 -16.19
N ARG A 65 -4.26 29.34 -15.87
CA ARG A 65 -3.89 30.70 -16.26
C ARG A 65 -2.63 31.17 -15.54
N SER A 66 -2.52 30.88 -14.24
CA SER A 66 -1.33 31.28 -13.50
C SER A 66 -0.09 30.56 -14.02
N ALA A 67 -0.21 29.27 -14.31
CA ALA A 67 0.94 28.51 -14.79
C ALA A 67 1.36 28.97 -16.18
N ARG A 68 0.39 29.26 -17.05
CA ARG A 68 0.71 29.71 -18.40
C ARG A 68 1.45 31.05 -18.39
N ASP A 69 1.01 31.98 -17.53
CA ASP A 69 1.69 33.28 -17.46
C ASP A 69 3.11 33.15 -16.94
N THR A 70 3.31 32.33 -15.90
CA THR A 70 4.65 32.12 -15.38
C THR A 70 5.56 31.52 -16.45
N ALA A 71 5.01 30.62 -17.27
CA ALA A 71 5.78 30.09 -18.40
C ALA A 71 6.20 31.21 -19.33
N GLN A 72 5.32 32.19 -19.58
CA GLN A 72 5.70 33.31 -20.43
C GLN A 72 6.77 34.16 -19.77
N ILE A 73 6.69 34.36 -18.45
CA ILE A 73 7.69 35.15 -17.75
C ILE A 73 9.05 34.46 -17.82
N PHE A 74 9.08 33.14 -17.70
CA PHE A 74 10.33 32.40 -17.79
C PHE A 74 10.93 32.46 -19.18
N ARG A 75 10.08 32.52 -20.21
CA ARG A 75 10.58 32.71 -21.57
C ARG A 75 11.31 34.03 -21.71
N VAL A 76 10.77 35.09 -21.10
CA VAL A 76 11.47 36.37 -21.08
C VAL A 76 12.74 36.28 -20.26
N ASN A 77 12.68 35.63 -19.09
CA ASN A 77 13.85 35.56 -18.22
C ASN A 77 14.99 34.80 -18.88
N LEU A 78 14.68 33.69 -19.56
CA LEU A 78 15.74 32.94 -20.24
C LEU A 78 16.45 33.81 -21.27
N ARG A 79 15.67 34.62 -22.01
CA ARG A 79 16.23 35.54 -22.98
C ARG A 79 17.03 36.64 -22.31
N THR A 80 16.52 37.18 -21.20
CA THR A 80 17.23 38.21 -20.46
C THR A 80 18.57 37.69 -19.95
N LEU A 81 18.57 36.49 -19.37
CA LEU A 81 19.81 35.96 -18.80
C LEU A 81 20.83 35.63 -19.87
N ARG A 82 20.39 35.13 -21.02
CA ARG A 82 21.38 34.89 -22.06
C ARG A 82 21.87 36.20 -22.67
N GLY A 83 21.15 37.31 -22.43
CA GLY A 83 21.72 38.61 -22.73
C GLY A 83 22.79 39.01 -21.74
N TYR A 84 22.53 38.84 -20.44
CA TYR A 84 23.52 39.18 -19.42
C TYR A 84 24.83 38.44 -19.64
N TYR A 85 24.75 37.16 -19.97
CA TYR A 85 25.92 36.31 -20.10
C TYR A 85 26.47 36.27 -21.52
N ASN A 86 25.90 37.04 -22.44
CA ASN A 86 26.39 37.13 -23.82
C ASN A 86 26.50 35.73 -24.45
N GLN A 87 25.44 34.95 -24.28
CA GLN A 87 25.40 33.59 -24.79
C GLN A 87 24.59 33.52 -26.08
N SER A 88 25.01 32.64 -26.98
CA SER A 88 24.33 32.51 -28.26
C SER A 88 22.95 31.92 -28.07
N GLU A 89 22.07 32.21 -29.04
CA GLU A 89 20.71 31.66 -29.02
C GLU A 89 20.65 30.22 -29.50
N ALA A 90 21.80 29.61 -29.80
CA ALA A 90 21.84 28.22 -30.27
C ALA A 90 22.04 27.23 -29.14
N GLY A 91 22.50 27.68 -27.98
CA GLY A 91 22.68 26.81 -26.85
C GLY A 91 21.43 26.69 -26.01
N SER A 92 21.22 25.50 -25.45
CA SER A 92 20.09 25.25 -24.55
C SER A 92 20.48 25.60 -23.11
N HIS A 93 19.58 26.28 -22.42
CA HIS A 93 19.82 26.70 -21.04
C HIS A 93 18.60 26.36 -20.18
N THR A 94 18.85 26.20 -18.88
CA THR A 94 17.82 25.80 -17.91
C THR A 94 17.66 26.90 -16.87
N LEU A 95 16.41 27.28 -16.60
CA LEU A 95 16.07 28.18 -15.51
C LEU A 95 15.13 27.45 -14.54
N GLN A 96 15.56 27.31 -13.30
CA GLN A 96 14.81 26.60 -12.26
C GLN A 96 14.40 27.56 -11.16
N TRP A 97 13.18 27.36 -10.64
CA TRP A 97 12.62 28.23 -9.62
C TRP A 97 11.93 27.34 -8.60
N MET A 98 12.30 27.47 -7.32
CA MET A 98 11.59 26.76 -6.27
C MET A 98 11.27 27.73 -5.14
N HIS A 99 10.05 27.62 -4.62
CA HIS A 99 9.56 28.47 -3.54
C HIS A 99 8.60 27.64 -2.70
N GLY A 100 8.35 28.12 -1.48
CA GLY A 100 7.43 27.44 -0.60
C GLY A 100 7.37 28.00 0.80
N CYS A 101 6.30 27.69 1.52
CA CYS A 101 6.12 28.09 2.90
C CYS A 101 6.08 26.86 3.80
N GLU A 102 6.55 27.02 5.04
CA GLU A 102 6.65 25.94 6.01
C GLU A 102 5.93 26.35 7.29
N LEU A 103 5.04 25.48 7.78
CA LEU A 103 4.34 25.72 9.03
C LEU A 103 5.08 25.06 10.18
N GLY A 104 4.97 25.66 11.37
CA GLY A 104 5.50 25.06 12.56
C GLY A 104 4.55 24.04 13.13
N PRO A 105 4.95 23.43 14.25
CA PRO A 105 4.06 22.43 14.89
C PRO A 105 2.71 23.01 15.32
N ASP A 106 2.64 24.32 15.60
CA ASP A 106 1.39 24.96 15.97
C ASP A 106 0.47 25.24 14.79
N GLY A 107 0.88 24.91 13.56
CA GLY A 107 0.07 25.19 12.40
C GLY A 107 0.20 26.58 11.83
N ARG A 108 1.07 27.42 12.39
CA ARG A 108 1.24 28.78 11.91
C ARG A 108 2.46 28.89 11.00
N PHE A 109 2.50 29.97 10.23
CA PHE A 109 3.63 30.22 9.35
C PHE A 109 4.92 30.33 10.16
N LEU A 110 5.96 29.66 9.68
CA LEU A 110 7.26 29.73 10.35
C LEU A 110 8.37 30.20 9.44
N ARG A 111 8.43 29.71 8.20
CA ARG A 111 9.51 30.01 7.29
C ARG A 111 8.97 30.04 5.88
N GLY A 112 9.60 30.86 5.03
CA GLY A 112 9.30 30.87 3.62
C GLY A 112 10.60 30.75 2.82
N TYR A 113 10.46 30.26 1.58
CA TYR A 113 11.62 30.03 0.75
C TYR A 113 11.37 30.53 -0.67
N GLU A 114 12.44 31.01 -1.31
CA GLU A 114 12.38 31.25 -2.75
C GLU A 114 13.79 31.33 -3.30
N GLN A 115 14.02 30.61 -4.40
CA GLN A 115 15.36 30.52 -4.98
C GLN A 115 15.25 30.36 -6.49
N PHE A 116 16.24 30.92 -7.18
CA PHE A 116 16.33 30.86 -8.63
C PHE A 116 17.67 30.23 -9.00
N ALA A 117 17.68 29.42 -10.05
CA ALA A 117 18.91 28.81 -10.50
C ALA A 117 18.98 28.85 -12.02
N TYR A 118 20.18 29.12 -12.54
CA TYR A 118 20.41 29.18 -13.97
C TYR A 118 21.53 28.20 -14.31
N ASP A 119 21.23 27.26 -15.22
CA ASP A 119 22.17 26.24 -15.68
C ASP A 119 22.72 25.39 -14.53
N GLY A 120 21.87 25.11 -13.54
CA GLY A 120 22.20 24.20 -12.46
C GLY A 120 22.85 24.82 -11.25
N LYS A 121 23.34 26.06 -11.36
CA LYS A 121 23.97 26.77 -10.26
C LYS A 121 23.00 27.78 -9.65
N ASP A 122 23.26 28.12 -8.40
CA ASP A 122 22.53 29.20 -7.75
C ASP A 122 22.61 30.48 -8.57
N TYR A 123 21.51 31.24 -8.61
CA TYR A 123 21.49 32.53 -9.27
C TYR A 123 21.04 33.62 -8.31
N LEU A 124 19.76 33.63 -7.92
CA LEU A 124 19.22 34.62 -6.99
C LEU A 124 18.46 33.89 -5.89
N THR A 125 18.74 34.24 -4.63
CA THR A 125 18.14 33.58 -3.49
C THR A 125 17.49 34.62 -2.59
N LEU A 126 16.22 34.40 -2.24
CA LEU A 126 15.59 35.23 -1.24
C LEU A 126 16.09 34.82 0.14
N ASN A 127 16.45 35.80 0.96
CA ASN A 127 17.05 35.51 2.25
C ASN A 127 15.99 35.16 3.27
N GLU A 128 16.46 34.65 4.41
CA GLU A 128 15.56 34.11 5.43
C GLU A 128 14.54 35.14 5.91
N ASP A 129 14.92 36.43 5.95
CA ASP A 129 13.98 37.46 6.37
C ASP A 129 12.93 37.79 5.33
N LEU A 130 13.05 37.22 4.12
CA LEU A 130 12.09 37.43 3.04
C LEU A 130 12.02 38.91 2.67
N ARG A 131 13.08 39.65 2.95
CA ARG A 131 13.16 41.08 2.65
C ARG A 131 14.33 41.46 1.77
N SER A 132 15.36 40.63 1.68
CA SER A 132 16.55 40.92 0.89
C SER A 132 16.91 39.72 0.01
N TRP A 133 17.76 39.98 -0.99
CA TRP A 133 18.21 38.96 -1.92
C TRP A 133 19.70 38.73 -1.76
N THR A 134 20.15 37.59 -2.30
CA THR A 134 21.56 37.23 -2.35
C THR A 134 21.88 36.83 -3.78
N ALA A 135 22.73 37.60 -4.43
CA ALA A 135 23.14 37.40 -5.81
C ALA A 135 24.49 36.71 -5.86
N VAL A 136 24.69 35.89 -6.89
CA VAL A 136 25.94 35.16 -7.05
C VAL A 136 26.93 35.81 -8.03
N ASP A 137 26.53 36.86 -8.74
CA ASP A 137 27.45 37.53 -9.66
C ASP A 137 26.83 38.85 -10.12
N THR A 138 27.59 39.58 -10.95
CA THR A 138 27.12 40.84 -11.50
C THR A 138 25.81 40.68 -12.26
N ALA A 139 25.67 39.56 -12.98
CA ALA A 139 24.47 39.34 -13.76
C ALA A 139 23.25 39.19 -12.85
N ALA A 140 23.42 38.53 -11.70
CA ALA A 140 22.31 38.38 -10.78
C ALA A 140 22.09 39.62 -9.94
N GLN A 141 23.03 40.56 -9.96
CA GLN A 141 22.86 41.79 -9.22
C GLN A 141 21.97 42.77 -9.97
N ILE A 142 21.97 42.69 -11.30
CA ILE A 142 20.99 43.45 -12.08
C ILE A 142 19.59 42.92 -11.78
N SER A 143 19.45 41.60 -11.68
CA SER A 143 18.17 41.01 -11.33
C SER A 143 17.74 41.43 -9.94
N GLU A 144 18.69 41.48 -9.00
CA GLU A 144 18.36 41.90 -7.65
C GLU A 144 17.92 43.35 -7.61
N GLN A 145 18.65 44.22 -8.31
CA GLN A 145 18.29 45.65 -8.34
C GLN A 145 16.92 45.87 -8.98
N LYS A 146 16.62 45.16 -10.07
CA LYS A 146 15.27 45.26 -10.66
C LYS A 146 14.21 44.89 -9.64
N SER A 147 14.43 43.80 -8.90
CA SER A 147 13.45 43.37 -7.91
C SER A 147 13.33 44.38 -6.78
N ASN A 148 14.47 44.92 -6.32
CA ASN A 148 14.43 45.88 -5.23
C ASN A 148 13.73 47.17 -5.65
N ASP A 149 13.91 47.60 -6.90
CA ASP A 149 13.22 48.80 -7.36
C ASP A 149 11.71 48.58 -7.46
N ALA A 150 11.28 47.36 -7.77
CA ALA A 150 9.87 47.06 -7.90
C ALA A 150 9.25 46.47 -6.64
N SER A 151 9.96 46.49 -5.51
CA SER A 151 9.48 45.91 -4.25
C SER A 151 9.02 44.48 -4.45
N GLU A 152 9.79 43.72 -5.23
CA GLU A 152 9.38 42.36 -5.55
C GLU A 152 9.42 41.45 -4.32
N ALA A 153 10.43 41.61 -3.47
CA ALA A 153 10.53 40.77 -2.27
C ALA A 153 9.31 40.95 -1.38
N GLU A 154 8.67 42.12 -1.42
CA GLU A 154 7.46 42.33 -0.65
C GLU A 154 6.29 41.58 -1.27
N HIS A 155 6.27 41.47 -2.60
CA HIS A 155 5.24 40.70 -3.29
C HIS A 155 5.40 39.21 -3.02
N GLN A 156 6.62 38.69 -3.08
CA GLN A 156 6.84 37.28 -2.82
C GLN A 156 6.56 36.94 -1.36
N ARG A 157 6.93 37.83 -0.43
CA ARG A 157 6.64 37.61 0.98
C ARG A 157 5.15 37.53 1.23
N ALA A 158 4.38 38.41 0.60
CA ALA A 158 2.93 38.40 0.79
C ALA A 158 2.35 37.06 0.33
N TYR A 159 2.83 36.55 -0.80
CA TYR A 159 2.36 35.24 -1.27
C TYR A 159 2.76 34.13 -0.30
N LEU A 160 4.02 34.15 0.17
CA LEU A 160 4.51 33.07 1.02
C LEU A 160 3.83 33.07 2.38
N GLU A 161 3.61 34.25 2.96
CA GLU A 161 3.06 34.33 4.32
C GLU A 161 1.55 34.22 4.36
N ASP A 162 0.84 34.63 3.30
CA ASP A 162 -0.61 34.69 3.30
C ASP A 162 -1.21 33.64 2.38
N THR A 163 -1.00 33.76 1.07
CA THR A 163 -1.63 32.85 0.12
C THR A 163 -1.20 31.41 0.37
N CYS A 164 0.12 31.19 0.48
CA CYS A 164 0.65 29.83 0.62
C CYS A 164 0.17 29.18 1.92
N VAL A 165 0.11 29.95 3.01
CA VAL A 165 -0.35 29.37 4.27
C VAL A 165 -1.83 29.04 4.21
N GLU A 166 -2.63 29.93 3.64
CA GLU A 166 -4.07 29.72 3.60
C GLU A 166 -4.43 28.48 2.79
N TRP A 167 -3.80 28.32 1.62
CA TRP A 167 -4.09 27.18 0.76
C TRP A 167 -3.44 25.89 1.24
N LEU A 168 -2.32 25.99 1.99
CA LEU A 168 -1.77 24.77 2.58
C LEU A 168 -2.74 24.19 3.60
N HIS A 169 -3.40 25.04 4.39
CA HIS A 169 -4.42 24.55 5.31
C HIS A 169 -5.54 23.86 4.55
N LYS A 170 -5.99 24.46 3.44
CA LYS A 170 -7.05 23.84 2.64
C LYS A 170 -6.63 22.49 2.09
N TYR A 171 -5.40 22.40 1.57
CA TYR A 171 -4.91 21.13 1.05
C TYR A 171 -4.79 20.09 2.17
N LEU A 172 -4.27 20.49 3.33
CA LEU A 172 -4.15 19.58 4.46
C LEU A 172 -5.51 19.09 4.94
N GLU A 173 -6.58 19.83 4.65
CA GLU A 173 -7.90 19.38 5.04
C GLU A 173 -8.48 18.38 4.04
N LYS A 174 -8.31 18.65 2.74
CA LYS A 174 -8.90 17.78 1.72
C LYS A 174 -8.22 16.42 1.69
N GLY A 175 -6.94 16.34 2.05
CA GLY A 175 -6.22 15.08 2.04
C GLY A 175 -5.86 14.64 3.44
N LYS A 176 -6.80 14.89 4.37
CA LYS A 176 -6.53 14.70 5.79
C LYS A 176 -6.10 13.26 6.10
N GLU A 177 -6.80 12.27 5.56
CA GLU A 177 -6.50 10.88 5.91
C GLU A 177 -5.17 10.39 5.36
N THR A 178 -4.60 11.08 4.37
CA THR A 178 -3.31 10.68 3.82
C THR A 178 -2.19 11.62 4.22
N LEU A 179 -2.39 12.93 4.08
CA LEU A 179 -1.30 13.88 4.35
C LEU A 179 -0.93 13.89 5.83
N LEU A 180 -1.92 13.80 6.71
CA LEU A 180 -1.67 13.76 8.15
C LEU A 180 -1.42 12.35 8.67
N HIS A 181 -1.30 11.36 7.79
CA HIS A 181 -1.07 9.97 8.17
C HIS A 181 0.42 9.66 8.13
N LEU A 182 0.93 9.06 9.20
CA LEU A 182 2.32 8.64 9.27
C LEU A 182 2.40 7.15 9.00
N GLU A 183 3.30 6.75 8.10
CA GLU A 183 3.42 5.35 7.75
C GLU A 183 4.73 4.78 8.31
N PRO A 184 4.67 3.85 9.27
CA PRO A 184 5.91 3.37 9.88
C PRO A 184 6.67 2.46 8.93
N PRO A 185 7.99 2.40 9.05
CA PRO A 185 8.77 1.50 8.20
C PRO A 185 8.65 0.06 8.68
N LYS A 186 8.61 -0.86 7.71
CA LYS A 186 8.66 -2.30 7.98
C LYS A 186 10.10 -2.76 7.78
N THR A 187 10.67 -3.39 8.81
CA THR A 187 12.11 -3.57 8.89
C THR A 187 12.49 -5.05 9.01
N HIS A 188 13.62 -5.40 8.40
CA HIS A 188 14.19 -6.74 8.51
C HIS A 188 15.65 -6.68 8.09
N VAL A 189 16.42 -7.69 8.51
CA VAL A 189 17.85 -7.77 8.24
C VAL A 189 18.12 -8.99 7.37
N THR A 190 18.96 -8.81 6.34
CA THR A 190 19.40 -9.90 5.48
C THR A 190 20.90 -10.12 5.62
N HIS A 191 21.35 -11.33 5.25
CA HIS A 191 22.72 -11.78 5.50
C HIS A 191 23.32 -12.31 4.21
N HIS A 192 24.44 -11.73 3.78
CA HIS A 192 25.10 -12.08 2.52
C HIS A 192 26.60 -12.27 2.70
N PRO A 193 27.11 -13.50 2.70
CA PRO A 193 28.55 -13.74 2.94
C PRO A 193 29.43 -13.27 1.78
N ILE A 194 30.37 -12.38 2.08
CA ILE A 194 31.35 -11.94 1.09
C ILE A 194 32.44 -12.98 0.87
N SER A 195 32.97 -13.57 1.94
CA SER A 195 34.04 -14.55 1.87
C SER A 195 33.82 -15.58 2.97
N ASP A 196 34.83 -16.42 3.23
CA ASP A 196 34.68 -17.40 4.29
C ASP A 196 34.65 -16.76 5.67
N HIS A 197 35.29 -15.59 5.84
CA HIS A 197 35.41 -14.93 7.13
C HIS A 197 34.66 -13.60 7.22
N GLU A 198 33.97 -13.17 6.17
CA GLU A 198 33.27 -11.90 6.16
C GLU A 198 31.86 -12.10 5.62
N ALA A 199 30.95 -11.20 6.04
CA ALA A 199 29.57 -11.25 5.62
C ALA A 199 29.00 -9.85 5.64
N THR A 200 27.91 -9.65 4.89
CA THR A 200 27.22 -8.37 4.81
C THR A 200 25.88 -8.48 5.53
N LEU A 201 25.61 -7.52 6.42
CA LEU A 201 24.31 -7.40 7.08
C LEU A 201 23.61 -6.17 6.50
N ARG A 202 22.50 -6.40 5.80
CA ARG A 202 21.77 -5.31 5.14
C ARG A 202 20.45 -5.10 5.88
N CYS A 203 20.27 -3.89 6.40
CA CYS A 203 19.10 -3.53 7.19
C CYS A 203 18.11 -2.76 6.32
N TRP A 204 16.90 -3.30 6.17
CA TRP A 204 15.90 -2.74 5.28
C TRP A 204 14.88 -1.93 6.05
N ALA A 205 14.46 -0.80 5.47
CA ALA A 205 13.30 -0.05 5.95
C ALA A 205 12.39 0.17 4.75
N LEU A 206 11.24 -0.49 4.75
CA LEU A 206 10.37 -0.51 3.58
C LEU A 206 9.01 0.11 3.89
N GLY A 207 8.46 0.81 2.90
CA GLY A 207 7.10 1.32 2.90
C GLY A 207 6.76 2.34 3.98
N PHE A 208 7.59 3.37 4.13
CA PHE A 208 7.36 4.40 5.12
C PHE A 208 7.04 5.74 4.45
N TYR A 209 6.33 6.59 5.18
CA TYR A 209 6.00 7.97 4.78
C TYR A 209 5.91 8.76 6.07
N PRO A 210 6.54 9.95 6.17
CA PRO A 210 7.31 10.63 5.11
C PRO A 210 8.72 10.07 4.95
N ALA A 211 9.51 10.68 4.06
CA ALA A 211 10.80 10.14 3.65
C ALA A 211 11.90 10.29 4.69
N GLU A 212 11.76 11.23 5.64
CA GLU A 212 12.76 11.45 6.67
C GLU A 212 12.90 10.20 7.56
N ILE A 213 14.13 9.69 7.69
CA ILE A 213 14.39 8.47 8.42
C ILE A 213 15.87 8.41 8.79
N THR A 214 16.20 7.60 9.80
CA THR A 214 17.59 7.39 10.22
C THR A 214 17.85 5.90 10.43
N LEU A 215 18.85 5.38 9.72
CA LEU A 215 19.34 4.01 9.89
C LEU A 215 20.80 4.06 10.33
N THR A 216 21.12 3.37 11.42
CA THR A 216 22.50 3.28 11.89
C THR A 216 22.78 1.85 12.33
N TRP A 217 24.03 1.43 12.14
CA TRP A 217 24.49 0.14 12.65
C TRP A 217 25.33 0.36 13.90
N GLN A 218 25.05 -0.42 14.94
CA GLN A 218 25.74 -0.35 16.22
C GLN A 218 26.34 -1.71 16.55
N GLN A 219 27.43 -1.70 17.30
CA GLN A 219 28.08 -2.93 17.74
C GLN A 219 28.11 -2.96 19.26
N ASP A 220 27.97 -4.17 19.81
CA ASP A 220 28.09 -4.36 21.26
C ASP A 220 29.43 -3.83 21.76
N GLY A 221 29.39 -3.14 22.89
CA GLY A 221 30.56 -2.44 23.39
C GLY A 221 30.52 -0.97 23.03
N GLU A 222 31.65 -0.30 23.26
CA GLU A 222 31.70 1.14 23.09
C GLU A 222 33.00 1.56 22.42
N GLY A 223 32.95 2.73 21.77
CA GLY A 223 34.04 3.24 20.98
C GLY A 223 34.10 2.72 19.57
N HIS A 224 33.13 1.91 19.15
CA HIS A 224 33.22 1.24 17.87
C HIS A 224 32.87 2.19 16.72
N THR A 225 33.40 1.84 15.54
CA THR A 225 33.14 2.56 14.30
C THR A 225 32.74 1.55 13.24
N GLN A 226 31.62 1.81 12.57
CA GLN A 226 31.16 0.96 11.48
C GLN A 226 31.22 1.72 10.17
N ASP A 227 31.74 1.06 9.14
CA ASP A 227 31.76 1.61 7.78
C ASP A 227 30.47 1.18 7.10
N THR A 228 29.44 2.03 7.19
CA THR A 228 28.09 1.70 6.77
C THR A 228 27.86 2.22 5.36
N GLU A 229 27.47 1.32 4.46
CA GLU A 229 27.01 1.71 3.14
C GLU A 229 25.54 2.13 3.23
N LEU A 230 25.22 3.32 2.75
CA LEU A 230 23.89 3.89 2.95
C LEU A 230 23.36 4.38 1.61
N VAL A 231 22.24 3.80 1.14
CA VAL A 231 21.66 4.20 -0.14
C VAL A 231 20.76 5.39 0.06
N GLU A 232 20.63 6.20 -0.99
CA GLU A 232 19.69 7.31 -0.97
C GLU A 232 18.26 6.79 -0.83
N THR A 233 17.48 7.48 -0.01
CA THR A 233 16.07 7.13 0.13
C THR A 233 15.37 7.18 -1.23
N ARG A 234 14.66 6.11 -1.57
CA ARG A 234 14.09 5.94 -2.90
C ARG A 234 12.58 5.74 -2.84
N PRO A 235 11.84 6.24 -3.83
CA PRO A 235 10.39 6.04 -3.84
C PRO A 235 10.00 4.62 -4.25
N ALA A 236 9.07 4.04 -3.49
CA ALA A 236 8.53 2.73 -3.83
C ALA A 236 7.59 2.78 -5.02
N GLY A 237 7.09 3.97 -5.36
CA GLY A 237 6.19 4.13 -6.48
C GLY A 237 4.73 4.14 -6.11
N ASP A 238 4.40 3.91 -4.83
CA ASP A 238 3.03 3.91 -4.33
C ASP A 238 2.78 5.02 -3.32
N GLY A 239 3.73 5.93 -3.12
CA GLY A 239 3.60 6.97 -2.14
C GLY A 239 4.46 6.78 -0.91
N THR A 240 5.06 5.62 -0.71
CA THR A 240 5.98 5.37 0.40
C THR A 240 7.42 5.30 -0.11
N PHE A 241 8.36 5.11 0.81
CA PHE A 241 9.78 5.17 0.46
C PHE A 241 10.51 3.96 1.03
N GLN A 242 11.69 3.70 0.47
CA GLN A 242 12.56 2.60 0.88
C GLN A 242 13.96 3.13 1.15
N LYS A 243 14.68 2.42 2.00
CA LYS A 243 16.09 2.71 2.26
C LYS A 243 16.72 1.48 2.90
N TRP A 244 18.03 1.33 2.71
CA TRP A 244 18.74 0.29 3.45
C TRP A 244 20.15 0.76 3.78
N ALA A 245 20.72 0.10 4.79
CA ALA A 245 22.05 0.37 5.30
C ALA A 245 22.75 -0.96 5.52
N ALA A 246 23.94 -1.10 4.95
CA ALA A 246 24.70 -2.34 5.05
C ALA A 246 26.01 -2.09 5.77
N VAL A 247 26.48 -3.14 6.46
CA VAL A 247 27.76 -3.13 7.15
C VAL A 247 28.41 -4.49 6.96
N VAL A 248 29.73 -4.50 6.86
CA VAL A 248 30.48 -5.74 6.74
C VAL A 248 30.96 -6.17 8.11
N VAL A 249 30.66 -7.40 8.49
CA VAL A 249 30.99 -7.92 9.81
C VAL A 249 31.74 -9.24 9.64
N PRO A 250 32.58 -9.62 10.60
CA PRO A 250 33.22 -10.94 10.54
C PRO A 250 32.23 -12.07 10.77
N SER A 251 32.53 -13.21 10.16
CA SER A 251 31.63 -14.35 10.23
C SER A 251 31.56 -14.92 11.65
N GLY A 252 30.35 -15.24 12.08
CA GLY A 252 30.11 -15.68 13.43
C GLY A 252 29.88 -14.56 14.43
N GLU A 253 30.34 -13.36 14.13
CA GLU A 253 30.18 -12.21 15.01
C GLU A 253 28.95 -11.37 14.65
N GLU A 254 27.96 -11.96 13.99
CA GLU A 254 26.83 -11.19 13.50
C GLU A 254 25.92 -10.74 14.63
N GLN A 255 25.75 -11.59 15.65
CA GLN A 255 24.81 -11.29 16.73
C GLN A 255 25.21 -10.08 17.55
N ARG A 256 26.46 -9.64 17.46
CA ARG A 256 26.90 -8.46 18.19
C ARG A 256 26.68 -7.16 17.43
N TYR A 257 25.99 -7.21 16.29
CA TYR A 257 25.66 -6.02 15.53
C TYR A 257 24.15 -5.82 15.53
N THR A 258 23.75 -4.55 15.51
CA THR A 258 22.34 -4.18 15.71
C THR A 258 21.96 -3.01 14.80
N CYS A 259 20.77 -3.08 14.22
CA CYS A 259 20.25 -2.00 13.39
C CYS A 259 19.23 -1.17 14.16
N HIS A 260 19.38 0.16 14.09
CA HIS A 260 18.50 1.09 14.80
C HIS A 260 17.83 2.00 13.79
N VAL A 261 16.50 1.99 13.80
CA VAL A 261 15.66 2.74 12.87
C VAL A 261 14.86 3.77 13.64
N GLN A 262 14.92 5.03 13.21
CA GLN A 262 14.14 6.12 13.78
C GLN A 262 13.24 6.69 12.69
N HIS A 263 11.99 6.94 13.03
CA HIS A 263 11.05 7.50 12.07
C HIS A 263 9.89 8.13 12.82
N GLU A 264 9.31 9.18 12.22
CA GLU A 264 8.20 9.89 12.86
C GLU A 264 7.01 8.96 13.12
N GLY A 265 6.84 7.94 12.30
CA GLY A 265 5.83 6.94 12.51
C GLY A 265 6.16 5.89 13.56
N LEU A 266 7.29 6.02 14.23
CA LEU A 266 7.66 5.07 15.29
C LEU A 266 7.51 5.73 16.64
N PRO A 267 6.61 5.23 17.50
CA PRO A 267 6.53 5.77 18.87
C PRO A 267 7.86 5.70 19.59
N GLU A 268 8.57 4.59 19.41
CA GLU A 268 9.93 4.38 19.88
C GLU A 268 10.74 3.80 18.74
N PRO A 269 12.05 4.09 18.70
CA PRO A 269 12.90 3.48 17.68
C PRO A 269 12.87 1.96 17.76
N VAL A 270 12.97 1.32 16.61
CA VAL A 270 12.94 -0.14 16.55
C VAL A 270 14.37 -0.65 16.46
N THR A 271 14.58 -1.87 16.96
CA THR A 271 15.91 -2.46 17.03
C THR A 271 15.87 -3.83 16.38
N LEU A 272 16.90 -4.15 15.59
CA LEU A 272 16.92 -5.38 14.82
C LEU A 272 18.30 -6.03 14.90
N ARG A 273 18.31 -7.36 15.05
CA ARG A 273 19.47 -8.21 14.86
C ARG A 273 19.16 -9.21 13.74
N TRP A 274 20.07 -10.14 13.51
CA TRP A 274 19.78 -11.17 12.51
C TRP A 274 19.73 -12.57 13.14
N MET B 1 27.73 26.56 -16.13
CA MET B 1 27.21 25.34 -16.76
C MET B 1 27.72 24.10 -16.03
N ILE B 2 27.12 23.81 -14.87
CA ILE B 2 27.50 22.62 -14.13
C ILE B 2 26.73 21.43 -14.67
N GLN B 3 27.43 20.30 -14.78
CA GLN B 3 26.87 19.05 -15.25
C GLN B 3 27.08 18.01 -14.17
N ARG B 4 26.01 17.29 -13.84
CA ARG B 4 26.06 16.28 -12.78
C ARG B 4 25.70 14.92 -13.35
N THR B 5 26.39 13.90 -12.88
CA THR B 5 26.16 12.57 -13.41
C THR B 5 25.05 11.88 -12.62
N PRO B 6 24.20 11.08 -13.27
CA PRO B 6 23.07 10.47 -12.56
C PRO B 6 23.46 9.30 -11.67
N LYS B 7 22.79 9.23 -10.51
CA LYS B 7 22.82 8.07 -9.65
C LYS B 7 21.62 7.18 -9.98
N ILE B 8 21.83 5.87 -9.91
CA ILE B 8 20.87 4.91 -10.42
C ILE B 8 20.61 3.84 -9.37
N GLN B 9 19.34 3.53 -9.15
CA GLN B 9 18.93 2.38 -8.34
C GLN B 9 17.89 1.60 -9.13
N VAL B 10 18.05 0.29 -9.17
CA VAL B 10 17.09 -0.61 -9.83
C VAL B 10 16.58 -1.58 -8.77
N TYR B 11 15.27 -1.60 -8.59
CA TYR B 11 14.71 -2.31 -7.46
C TYR B 11 13.23 -2.55 -7.71
N SER B 12 12.64 -3.37 -6.85
CA SER B 12 11.22 -3.68 -6.94
C SER B 12 10.45 -2.92 -5.86
N ARG B 13 9.15 -2.72 -6.14
CA ARG B 13 8.29 -2.05 -5.18
C ARG B 13 8.10 -2.91 -3.93
N HIS B 14 7.76 -4.16 -4.13
CA HIS B 14 7.59 -5.11 -3.05
C HIS B 14 8.73 -6.12 -3.09
N PRO B 15 9.03 -6.78 -1.97
CA PRO B 15 10.01 -7.86 -2.00
C PRO B 15 9.62 -8.90 -3.05
N ALA B 16 10.60 -9.34 -3.82
CA ALA B 16 10.33 -10.16 -4.99
C ALA B 16 9.93 -11.57 -4.60
N GLU B 17 9.10 -12.18 -5.43
CA GLU B 17 8.67 -13.55 -5.24
C GLU B 17 8.29 -14.08 -6.62
N ASN B 18 8.98 -15.12 -7.08
CA ASN B 18 8.80 -15.61 -8.44
C ASN B 18 7.34 -15.96 -8.71
N GLY B 19 6.87 -15.59 -9.91
CA GLY B 19 5.51 -15.86 -10.32
C GLY B 19 4.45 -14.95 -9.75
N LYS B 20 4.82 -13.96 -8.94
CA LYS B 20 3.88 -13.03 -8.34
C LYS B 20 4.12 -11.64 -8.92
N SER B 21 3.04 -10.95 -9.26
CA SER B 21 3.16 -9.65 -9.91
C SER B 21 3.78 -8.61 -8.96
N ASN B 22 4.53 -7.68 -9.55
CA ASN B 22 5.30 -6.69 -8.80
C ASN B 22 5.49 -5.49 -9.72
N PHE B 23 6.27 -4.51 -9.25
CA PHE B 23 6.64 -3.34 -10.05
C PHE B 23 8.15 -3.20 -10.03
N LEU B 24 8.74 -3.01 -11.22
CA LEU B 24 10.18 -2.80 -11.34
C LEU B 24 10.44 -1.30 -11.46
N ASN B 25 11.29 -0.76 -10.58
CA ASN B 25 11.57 0.65 -10.54
C ASN B 25 13.03 0.92 -10.90
N CYS B 26 13.24 1.94 -11.71
CA CYS B 26 14.56 2.53 -11.93
C CYS B 26 14.48 3.96 -11.42
N TYR B 27 15.20 4.25 -10.35
CA TYR B 27 15.23 5.60 -9.79
C TYR B 27 16.51 6.29 -10.24
N VAL B 28 16.36 7.41 -10.95
CA VAL B 28 17.49 8.17 -11.47
C VAL B 28 17.49 9.53 -10.80
N SER B 29 18.66 9.98 -10.34
CA SER B 29 18.69 11.20 -9.55
C SER B 29 20.08 11.81 -9.57
N GLY B 30 20.14 13.06 -9.09
CA GLY B 30 21.40 13.79 -8.99
C GLY B 30 22.02 14.20 -10.30
N PHE B 31 21.23 14.31 -11.37
CA PHE B 31 21.74 14.59 -12.70
C PHE B 31 21.28 15.98 -13.15
N HIS B 32 22.07 16.58 -14.06
CA HIS B 32 21.84 17.89 -14.64
C HIS B 32 22.69 17.99 -15.91
N PRO B 33 22.12 18.42 -17.04
CA PRO B 33 20.76 18.92 -17.32
C PRO B 33 19.66 17.86 -17.28
N SER B 34 18.43 18.28 -17.58
CA SER B 34 17.26 17.46 -17.30
C SER B 34 17.10 16.30 -18.29
N ASP B 35 17.41 16.53 -19.56
CA ASP B 35 17.18 15.51 -20.58
C ASP B 35 18.01 14.26 -20.32
N ILE B 36 17.36 13.10 -20.38
CA ILE B 36 17.98 11.84 -19.99
C ILE B 36 17.24 10.71 -20.67
N GLU B 37 17.96 9.64 -20.99
CA GLU B 37 17.38 8.46 -21.63
C GLU B 37 17.43 7.29 -20.66
N VAL B 38 16.28 6.79 -20.27
CA VAL B 38 16.16 5.69 -19.33
C VAL B 38 15.29 4.61 -19.94
N ASP B 39 15.81 3.39 -20.00
CA ASP B 39 15.08 2.25 -20.53
C ASP B 39 15.20 1.09 -19.55
N LEU B 40 14.09 0.40 -19.35
CA LEU B 40 14.10 -0.84 -18.59
C LEU B 40 14.27 -2.01 -19.55
N LEU B 41 15.15 -2.93 -19.20
CA LEU B 41 15.47 -4.07 -20.06
C LEU B 41 14.96 -5.36 -19.43
N LYS B 42 14.37 -6.22 -20.26
CA LYS B 42 14.04 -7.59 -19.87
C LYS B 42 14.82 -8.55 -20.75
N ASN B 43 15.79 -9.25 -20.15
CA ASN B 43 16.67 -10.16 -20.88
C ASN B 43 17.37 -9.43 -22.02
N GLY B 44 17.83 -8.22 -21.74
CA GLY B 44 18.54 -7.41 -22.71
C GLY B 44 17.66 -6.59 -23.63
N GLU B 45 16.37 -6.92 -23.74
CA GLU B 45 15.48 -6.23 -24.66
C GLU B 45 14.66 -5.17 -23.95
N ARG B 46 14.38 -4.09 -24.67
CA ARG B 46 13.69 -2.93 -24.13
C ARG B 46 12.20 -3.19 -23.94
N ILE B 47 11.69 -2.87 -22.75
CA ILE B 47 10.26 -2.91 -22.45
C ILE B 47 9.59 -1.67 -23.02
N GLU B 48 8.40 -1.84 -23.57
CA GLU B 48 7.87 -0.86 -24.51
C GLU B 48 6.83 0.10 -23.94
N LYS B 49 6.26 -0.19 -22.77
CA LYS B 49 5.30 0.74 -22.14
C LYS B 49 5.76 1.00 -20.71
N VAL B 50 6.72 1.90 -20.58
CA VAL B 50 7.29 2.28 -19.29
C VAL B 50 6.79 3.68 -18.95
N GLU B 51 6.27 3.82 -17.73
CA GLU B 51 5.79 5.11 -17.24
C GLU B 51 6.81 5.74 -16.32
N HIS B 52 6.83 7.07 -16.29
CA HIS B 52 7.79 7.79 -15.47
C HIS B 52 7.10 8.93 -14.75
N SER B 53 7.68 9.32 -13.62
CA SER B 53 7.14 10.41 -12.81
C SER B 53 7.40 11.76 -13.50
N ASP B 54 6.87 12.83 -12.91
CA ASP B 54 7.04 14.17 -13.45
C ASP B 54 8.33 14.78 -12.94
N LEU B 55 9.01 15.52 -13.81
CA LEU B 55 10.31 16.10 -13.49
C LEU B 55 10.24 16.96 -12.23
N SER B 56 11.04 16.61 -11.23
CA SER B 56 11.23 17.47 -10.07
C SER B 56 12.73 17.55 -9.78
N PHE B 57 13.11 18.38 -8.81
CA PHE B 57 14.54 18.53 -8.49
C PHE B 57 14.75 18.72 -6.99
N SER B 58 15.96 18.38 -6.56
CA SER B 58 16.37 18.43 -5.16
C SER B 58 16.85 19.83 -4.78
N LYS B 59 17.21 19.99 -3.50
CA LYS B 59 17.70 21.27 -3.00
C LYS B 59 18.94 21.77 -3.73
N ASP B 60 19.73 20.88 -4.33
CA ASP B 60 20.93 21.27 -5.05
C ASP B 60 20.68 21.52 -6.55
N TRP B 61 19.41 21.51 -6.97
CA TRP B 61 18.88 21.79 -8.32
C TRP B 61 19.00 20.59 -9.27
N SER B 62 19.63 19.49 -8.85
CA SER B 62 19.70 18.31 -9.69
C SER B 62 18.36 17.58 -9.74
N PHE B 63 18.10 16.93 -10.87
CA PHE B 63 16.79 16.36 -11.16
C PHE B 63 16.71 14.90 -10.77
N TYR B 64 15.48 14.45 -10.50
CA TYR B 64 15.22 13.05 -10.23
C TYR B 64 13.94 12.60 -10.93
N LEU B 65 13.96 11.35 -11.40
CA LEU B 65 12.86 10.71 -12.12
C LEU B 65 12.74 9.26 -11.67
N LEU B 66 11.51 8.79 -11.52
CA LEU B 66 11.24 7.37 -11.31
C LEU B 66 10.67 6.79 -12.59
N TYR B 67 11.26 5.70 -13.06
CA TYR B 67 10.75 4.93 -14.18
C TYR B 67 10.30 3.56 -13.67
N TYR B 68 9.10 3.14 -14.04
CA TYR B 68 8.52 1.93 -13.47
C TYR B 68 7.68 1.18 -14.50
N THR B 69 7.64 -0.14 -14.34
CA THR B 69 6.80 -1.00 -15.15
C THR B 69 6.36 -2.18 -14.31
N GLU B 70 5.12 -2.62 -14.53
CA GLU B 70 4.68 -3.86 -13.92
C GLU B 70 5.50 -5.02 -14.47
N PHE B 71 5.85 -5.97 -13.61
CA PHE B 71 6.59 -7.14 -14.05
C PHE B 71 6.35 -8.27 -13.07
N THR B 72 6.69 -9.47 -13.53
CA THR B 72 6.52 -10.69 -12.73
C THR B 72 7.87 -11.40 -12.71
N PRO B 73 8.66 -11.23 -11.66
CA PRO B 73 9.99 -11.85 -11.63
C PRO B 73 9.88 -13.37 -11.70
N THR B 74 10.90 -13.97 -12.31
CA THR B 74 11.03 -15.42 -12.39
C THR B 74 12.45 -15.80 -12.01
N GLU B 75 12.67 -17.11 -11.89
CA GLU B 75 14.02 -17.58 -11.61
C GLU B 75 14.94 -17.43 -12.81
N LYS B 76 14.37 -17.23 -14.01
CA LYS B 76 15.15 -17.22 -15.24
C LYS B 76 15.24 -15.87 -15.93
N ASP B 77 14.42 -14.89 -15.57
CA ASP B 77 14.42 -13.60 -16.24
C ASP B 77 15.38 -12.64 -15.54
N GLU B 78 16.21 -11.97 -16.32
CA GLU B 78 17.14 -10.96 -15.83
C GLU B 78 16.68 -9.59 -16.28
N TYR B 79 16.49 -8.68 -15.33
CA TYR B 79 16.01 -7.33 -15.58
C TYR B 79 17.09 -6.31 -15.27
N ALA B 80 17.07 -5.20 -16.01
CA ALA B 80 18.11 -4.20 -15.88
C ALA B 80 17.60 -2.84 -16.32
N CYS B 81 18.40 -1.81 -16.04
CA CYS B 81 18.11 -0.43 -16.41
C CYS B 81 19.27 0.10 -17.25
N ARG B 82 18.95 0.72 -18.37
CA ARG B 82 19.95 1.36 -19.22
C ARG B 82 19.74 2.87 -19.16
N VAL B 83 20.73 3.60 -18.66
CA VAL B 83 20.64 5.05 -18.52
C VAL B 83 21.76 5.69 -19.34
N ASN B 84 21.41 6.74 -20.09
CA ASN B 84 22.38 7.50 -20.86
C ASN B 84 22.11 8.99 -20.69
N HIS B 85 23.18 9.77 -20.62
CA HIS B 85 23.10 11.18 -20.26
C HIS B 85 24.30 11.88 -20.86
N VAL B 86 24.23 13.20 -20.91
CA VAL B 86 25.33 13.94 -21.51
C VAL B 86 26.60 13.82 -20.67
N THR B 87 26.46 13.58 -19.36
CA THR B 87 27.62 13.46 -18.48
C THR B 87 28.29 12.09 -18.54
N LEU B 88 27.65 11.09 -19.15
CA LEU B 88 28.20 9.73 -19.16
C LEU B 88 29.08 9.52 -20.38
N SER B 89 30.25 8.92 -20.16
CA SER B 89 31.11 8.57 -21.28
C SER B 89 30.57 7.36 -22.05
N GLN B 90 29.65 6.61 -21.46
CA GLN B 90 29.00 5.48 -22.10
C GLN B 90 27.71 5.20 -21.34
N PRO B 91 26.69 4.62 -21.98
CA PRO B 91 25.47 4.31 -21.25
C PRO B 91 25.74 3.36 -20.09
N LYS B 92 25.14 3.67 -18.94
CA LYS B 92 25.29 2.87 -17.73
C LYS B 92 24.16 1.86 -17.64
N ILE B 93 24.50 0.60 -17.39
CA ILE B 93 23.52 -0.47 -17.22
C ILE B 93 23.66 -1.03 -15.82
N VAL B 94 22.54 -1.09 -15.10
CA VAL B 94 22.49 -1.61 -13.75
C VAL B 94 21.53 -2.79 -13.74
N LYS B 95 22.02 -3.97 -13.34
CA LYS B 95 21.18 -5.15 -13.26
C LYS B 95 20.34 -5.11 -11.99
N TRP B 96 19.14 -5.67 -12.07
CA TRP B 96 18.28 -5.77 -10.90
C TRP B 96 18.73 -6.94 -10.03
N ASP B 97 19.08 -6.63 -8.78
CA ASP B 97 19.35 -7.64 -7.77
C ASP B 97 18.26 -7.55 -6.72
N ARG B 98 17.52 -8.64 -6.53
CA ARG B 98 16.44 -8.61 -5.56
C ARG B 98 16.93 -8.54 -4.12
N ASP B 99 18.25 -8.52 -3.90
CA ASP B 99 18.82 -8.30 -2.57
C ASP B 99 19.31 -6.87 -2.37
N MET B 100 19.09 -6.00 -3.34
CA MET B 100 19.45 -4.58 -3.21
C MET B 100 18.33 -3.68 -3.72
N GLY C 1 -6.68 -1.00 22.19
CA GLY C 1 -7.62 -1.83 21.45
C GLY C 1 -7.47 -3.32 21.73
N SER C 2 -8.56 -4.07 21.53
CA SER C 2 -8.54 -5.51 21.70
C SER C 2 -7.81 -6.18 20.54
N HIS C 3 -7.33 -7.39 20.79
CA HIS C 3 -6.67 -8.21 19.78
C HIS C 3 -7.08 -9.66 19.97
N SER C 4 -6.80 -10.49 18.97
CA SER C 4 -7.22 -11.87 19.03
C SER C 4 -6.36 -12.72 18.10
N LEU C 5 -6.13 -13.96 18.52
CA LEU C 5 -5.47 -14.97 17.69
C LEU C 5 -6.51 -16.03 17.35
N LYS C 6 -6.74 -16.27 16.07
CA LYS C 6 -7.79 -17.16 15.60
C LYS C 6 -7.25 -18.16 14.60
N TYR C 7 -7.82 -19.36 14.63
CA TYR C 7 -7.52 -20.39 13.64
C TYR C 7 -8.82 -20.95 13.08
N PHE C 8 -8.81 -21.28 11.79
CA PHE C 8 -9.96 -21.84 11.10
C PHE C 8 -9.55 -23.12 10.41
N HIS C 9 -10.09 -24.25 10.85
CA HIS C 9 -9.75 -25.55 10.31
C HIS C 9 -10.93 -26.12 9.53
N THR C 10 -10.62 -26.70 8.36
CA THR C 10 -11.64 -27.27 7.49
C THR C 10 -11.14 -28.61 6.96
N SER C 11 -11.99 -29.62 7.05
CA SER C 11 -11.70 -30.94 6.52
C SER C 11 -12.88 -31.39 5.69
N VAL C 12 -12.63 -31.74 4.43
CA VAL C 12 -13.67 -32.17 3.50
C VAL C 12 -13.27 -33.54 2.98
N SER C 13 -14.14 -34.53 3.17
CA SER C 13 -13.84 -35.89 2.72
C SER C 13 -14.07 -36.03 1.22
N ARG C 14 -13.23 -36.83 0.56
CA ARG C 14 -13.30 -37.09 -0.87
C ARG C 14 -13.50 -38.60 -1.04
N PRO C 15 -14.72 -39.10 -0.84
CA PRO C 15 -14.93 -40.55 -0.93
C PRO C 15 -14.61 -41.09 -2.32
N GLY C 16 -13.74 -42.10 -2.36
CA GLY C 16 -13.32 -42.69 -3.61
C GLY C 16 -12.19 -41.96 -4.30
N ARG C 17 -11.78 -40.79 -3.80
CA ARG C 17 -10.65 -40.04 -4.33
C ARG C 17 -9.58 -39.81 -3.27
N GLY C 18 -9.41 -40.78 -2.38
CA GLY C 18 -8.39 -40.80 -1.34
C GLY C 18 -8.67 -40.01 -0.07
N GLU C 19 -7.60 -39.55 0.58
CA GLU C 19 -7.70 -38.97 1.91
C GLU C 19 -8.46 -37.65 1.86
N PRO C 20 -9.13 -37.28 2.96
CA PRO C 20 -9.84 -36.00 2.99
C PRO C 20 -8.88 -34.82 2.90
N ARG C 21 -9.40 -33.73 2.35
CA ARG C 21 -8.66 -32.48 2.15
C ARG C 21 -8.67 -31.66 3.44
N PHE C 22 -7.50 -31.32 3.94
CA PHE C 22 -7.39 -30.55 5.19
C PHE C 22 -6.74 -29.20 4.91
N ILE C 23 -7.41 -28.14 5.31
CA ILE C 23 -6.91 -26.78 5.16
C ILE C 23 -7.07 -26.05 6.48
N SER C 24 -6.02 -25.34 6.90
CA SER C 24 -6.05 -24.61 8.16
C SER C 24 -5.37 -23.26 7.96
N VAL C 25 -5.99 -22.20 8.46
CA VAL C 25 -5.44 -20.85 8.36
C VAL C 25 -5.47 -20.20 9.74
N GLY C 26 -4.45 -19.41 10.03
CA GLY C 26 -4.35 -18.70 11.30
C GLY C 26 -4.40 -17.20 11.09
N TYR C 27 -5.05 -16.51 12.02
CA TYR C 27 -5.23 -15.07 11.93
C TYR C 27 -4.85 -14.40 13.23
N VAL C 28 -4.18 -13.25 13.11
CA VAL C 28 -4.12 -12.26 14.17
C VAL C 28 -4.99 -11.11 13.69
N ASP C 29 -6.11 -10.88 14.40
CA ASP C 29 -7.10 -9.88 14.00
C ASP C 29 -7.54 -10.18 12.57
N ASP C 30 -7.37 -9.27 11.61
CA ASP C 30 -7.76 -9.51 10.23
C ASP C 30 -6.57 -9.76 9.31
N THR C 31 -5.46 -10.23 9.86
CA THR C 31 -4.25 -10.49 9.10
C THR C 31 -3.94 -11.98 9.21
N GLN C 32 -4.15 -12.70 8.11
CA GLN C 32 -3.73 -14.09 8.05
C GLN C 32 -2.22 -14.16 8.06
N PHE C 33 -1.66 -15.09 8.85
CA PHE C 33 -0.21 -15.18 8.98
C PHE C 33 0.36 -16.57 8.76
N VAL C 34 -0.46 -17.62 8.80
CA VAL C 34 -0.01 -18.98 8.56
C VAL C 34 -1.05 -19.72 7.73
N ARG C 35 -0.61 -20.81 7.09
CA ARG C 35 -1.49 -21.68 6.34
C ARG C 35 -0.90 -23.09 6.32
N PHE C 36 -1.77 -24.10 6.46
CA PHE C 36 -1.41 -25.49 6.20
C PHE C 36 -2.45 -26.08 5.26
N ASP C 37 -1.99 -26.67 4.17
CA ASP C 37 -2.83 -27.32 3.17
C ASP C 37 -2.23 -28.68 2.89
N ASN C 38 -2.94 -29.75 3.24
CA ASN C 38 -2.39 -31.09 3.08
C ASN C 38 -2.43 -31.57 1.64
N ASP C 39 -2.89 -30.74 0.70
CA ASP C 39 -2.95 -31.09 -0.72
C ASP C 39 -1.60 -30.76 -1.37
N ALA C 40 -0.60 -31.55 -1.01
CA ALA C 40 0.75 -31.40 -1.54
C ALA C 40 1.51 -32.70 -1.28
N ALA C 41 2.71 -32.79 -1.85
CA ALA C 41 3.51 -34.00 -1.70
C ALA C 41 3.94 -34.20 -0.26
N SER C 42 4.54 -33.16 0.35
CA SER C 42 4.89 -33.16 1.76
C SER C 42 4.44 -31.82 2.33
N PRO C 43 3.19 -31.71 2.74
CA PRO C 43 2.64 -30.40 3.13
C PRO C 43 3.26 -29.88 4.42
N ARG C 44 3.48 -28.57 4.46
CA ARG C 44 4.08 -27.91 5.60
C ARG C 44 3.29 -26.65 5.94
N MET C 45 3.37 -26.27 7.21
CA MET C 45 2.89 -24.95 7.62
C MET C 45 3.82 -23.89 7.02
N VAL C 46 3.24 -22.87 6.38
CA VAL C 46 4.03 -21.85 5.69
C VAL C 46 3.62 -20.46 6.16
N PRO C 47 4.50 -19.47 6.09
CA PRO C 47 4.11 -18.11 6.49
C PRO C 47 3.28 -17.42 5.42
N ARG C 48 2.26 -16.69 5.86
CA ARG C 48 1.40 -15.92 4.96
C ARG C 48 1.39 -14.44 5.31
N ALA C 49 2.32 -13.98 6.14
CA ALA C 49 2.53 -12.58 6.42
C ALA C 49 4.03 -12.35 6.44
N PRO C 50 4.49 -11.19 5.96
CA PRO C 50 5.95 -10.98 5.89
C PRO C 50 6.65 -11.07 7.23
N TRP C 51 6.04 -10.59 8.32
CA TRP C 51 6.71 -10.61 9.62
C TRP C 51 6.88 -12.01 10.19
N MET C 52 6.43 -13.05 9.47
CA MET C 52 6.58 -14.44 9.87
C MET C 52 7.74 -15.13 9.17
N GLU C 53 8.44 -14.44 8.27
CA GLU C 53 9.54 -15.05 7.54
C GLU C 53 10.86 -14.94 8.27
N GLN C 54 10.83 -14.68 9.58
CA GLN C 54 12.02 -14.70 10.41
C GLN C 54 12.03 -15.87 11.38
N GLU C 55 11.01 -16.71 11.37
CA GLU C 55 10.88 -17.80 12.35
C GLU C 55 11.83 -18.95 12.00
N GLY C 56 12.38 -19.57 13.04
CA GLY C 56 13.29 -20.68 12.82
C GLY C 56 12.58 -21.91 12.29
N SER C 57 13.37 -22.81 11.72
CA SER C 57 12.80 -24.04 11.19
C SER C 57 12.19 -24.90 12.28
N GLU C 58 12.66 -24.77 13.53
CA GLU C 58 12.03 -25.50 14.62
C GLU C 58 10.56 -25.12 14.77
N TYR C 59 10.24 -23.84 14.62
CA TYR C 59 8.84 -23.41 14.65
C TYR C 59 8.04 -24.08 13.54
N TRP C 60 8.56 -24.02 12.30
CA TRP C 60 7.83 -24.60 11.18
C TRP C 60 7.76 -26.12 11.26
N ASP C 61 8.81 -26.76 11.81
CA ASP C 61 8.75 -28.20 12.02
C ASP C 61 7.68 -28.57 13.04
N ARG C 62 7.59 -27.82 14.14
CA ARG C 62 6.56 -28.10 15.13
C ARG C 62 5.16 -27.89 14.55
N GLU C 63 4.93 -26.72 13.93
CA GLU C 63 3.62 -26.42 13.38
C GLU C 63 3.22 -27.42 12.31
N THR C 64 4.18 -27.86 11.49
CA THR C 64 3.89 -28.84 10.45
C THR C 64 3.47 -30.16 11.05
N ARG C 65 4.15 -30.59 12.12
CA ARG C 65 3.83 -31.84 12.79
C ARG C 65 2.45 -31.77 13.45
N SER C 66 2.16 -30.64 14.10
CA SER C 66 0.87 -30.47 14.74
C SER C 66 -0.25 -30.47 13.71
N ALA C 67 -0.04 -29.80 12.58
CA ALA C 67 -1.08 -29.72 11.57
C ALA C 67 -1.30 -31.07 10.90
N ARG C 68 -0.23 -31.83 10.65
CA ARG C 68 -0.38 -33.15 10.06
C ARG C 68 -1.13 -34.09 10.99
N ASP C 69 -0.82 -34.05 12.29
CA ASP C 69 -1.53 -34.89 13.24
C ASP C 69 -3.00 -34.48 13.36
N THR C 70 -3.26 -33.17 13.44
CA THR C 70 -4.64 -32.70 13.53
C THR C 70 -5.44 -33.08 12.30
N ALA C 71 -4.79 -33.04 11.12
CA ALA C 71 -5.47 -33.51 9.91
C ALA C 71 -5.85 -34.97 10.04
N GLN C 72 -4.98 -35.81 10.62
CA GLN C 72 -5.29 -37.21 10.78
C GLN C 72 -6.42 -37.43 11.78
N ILE C 73 -6.49 -36.61 12.82
CA ILE C 73 -7.59 -36.70 13.78
C ILE C 73 -8.92 -36.35 13.12
N PHE C 74 -8.92 -35.33 12.25
CA PHE C 74 -10.16 -34.97 11.56
C PHE C 74 -10.61 -36.07 10.61
N ARG C 75 -9.67 -36.79 10.01
CA ARG C 75 -10.00 -37.94 9.18
C ARG C 75 -10.70 -39.02 9.99
N VAL C 76 -10.22 -39.27 11.22
CA VAL C 76 -10.89 -40.20 12.11
C VAL C 76 -12.26 -39.65 12.53
N ASN C 77 -12.32 -38.37 12.85
CA ASN C 77 -13.58 -37.78 13.29
C ASN C 77 -14.63 -37.87 12.19
N LEU C 78 -14.22 -37.65 10.93
CA LEU C 78 -15.17 -37.71 9.82
C LEU C 78 -15.81 -39.09 9.71
N ARG C 79 -15.04 -40.16 9.93
CA ARG C 79 -15.63 -41.49 9.95
C ARG C 79 -16.51 -41.69 11.17
N THR C 80 -16.07 -41.19 12.33
CA THR C 80 -16.88 -41.31 13.55
C THR C 80 -18.23 -40.62 13.39
N LEU C 81 -18.22 -39.38 12.88
CA LEU C 81 -19.48 -38.65 12.72
C LEU C 81 -20.34 -39.27 11.62
N ARG C 82 -19.72 -39.94 10.65
CA ARG C 82 -20.49 -40.68 9.66
C ARG C 82 -21.26 -41.82 10.31
N GLY C 83 -20.65 -42.48 11.30
CA GLY C 83 -21.36 -43.51 12.05
C GLY C 83 -22.50 -42.94 12.86
N TYR C 84 -22.24 -41.84 13.59
CA TYR C 84 -23.27 -41.22 14.41
C TYR C 84 -24.51 -40.89 13.57
N TYR C 85 -24.31 -40.32 12.38
CA TYR C 85 -25.41 -39.87 11.54
C TYR C 85 -25.91 -40.93 10.58
N ASN C 86 -25.39 -42.15 10.66
CA ASN C 86 -25.86 -43.28 9.85
C ASN C 86 -25.82 -42.93 8.36
N GLN C 87 -24.69 -42.33 7.94
CA GLN C 87 -24.52 -41.87 6.58
C GLN C 87 -23.68 -42.83 5.74
N SER C 88 -23.96 -42.85 4.45
CA SER C 88 -23.26 -43.71 3.52
C SER C 88 -21.80 -43.29 3.37
N GLU C 89 -20.99 -44.25 2.93
CA GLU C 89 -19.57 -44.03 2.67
C GLU C 89 -19.32 -43.30 1.35
N ALA C 90 -20.37 -42.91 0.62
CA ALA C 90 -20.21 -42.28 -0.67
C ALA C 90 -20.31 -40.76 -0.65
N GLY C 91 -20.88 -40.17 0.40
CA GLY C 91 -21.08 -38.72 0.43
C GLY C 91 -19.89 -37.98 0.99
N SER C 92 -19.66 -36.77 0.45
CA SER C 92 -18.63 -35.87 0.95
C SER C 92 -19.19 -35.04 2.10
N HIS C 93 -18.43 -34.94 3.19
CA HIS C 93 -18.85 -34.22 4.37
C HIS C 93 -17.74 -33.31 4.87
N THR C 94 -18.14 -32.24 5.56
CA THR C 94 -17.23 -31.20 6.02
C THR C 94 -17.22 -31.15 7.53
N LEU C 95 -16.02 -31.13 8.12
CA LEU C 95 -15.85 -30.90 9.56
C LEU C 95 -15.05 -29.62 9.72
N GLN C 96 -15.63 -28.65 10.42
CA GLN C 96 -15.00 -27.34 10.63
C GLN C 96 -14.75 -27.11 12.10
N TRP C 97 -13.60 -26.52 12.41
CA TRP C 97 -13.20 -26.27 13.79
C TRP C 97 -12.61 -24.87 13.87
N MET C 98 -13.18 -24.03 14.73
CA MET C 98 -12.62 -22.70 14.96
C MET C 98 -12.45 -22.43 16.44
N HIS C 99 -11.32 -21.83 16.79
CA HIS C 99 -11.00 -21.48 18.16
C HIS C 99 -10.21 -20.18 18.14
N GLY C 100 -10.13 -19.55 19.29
CA GLY C 100 -9.33 -18.36 19.41
C GLY C 100 -9.41 -17.70 20.77
N CYS C 101 -8.39 -16.93 21.12
CA CYS C 101 -8.37 -16.18 22.36
C CYS C 101 -8.34 -14.70 22.04
N GLU C 102 -8.93 -13.90 22.92
CA GLU C 102 -9.06 -12.47 22.70
C GLU C 102 -8.54 -11.71 23.92
N LEU C 103 -7.65 -10.75 23.69
CA LEU C 103 -7.14 -9.88 24.74
C LEU C 103 -8.00 -8.63 24.81
N GLY C 104 -8.11 -8.09 26.00
CA GLY C 104 -8.74 -6.81 26.12
C GLY C 104 -7.78 -5.69 25.84
N PRO C 105 -8.30 -4.46 25.94
CA PRO C 105 -7.43 -3.31 25.72
C PRO C 105 -6.31 -3.21 26.68
N ASP C 106 -6.39 -3.84 27.85
CA ASP C 106 -5.27 -3.85 28.77
C ASP C 106 -4.18 -4.86 28.43
N GLY C 107 -4.33 -5.63 27.35
CA GLY C 107 -3.37 -6.66 26.98
C GLY C 107 -3.52 -7.98 27.70
N ARG C 108 -4.50 -8.11 28.59
CA ARG C 108 -4.69 -9.33 29.35
C ARG C 108 -5.77 -10.19 28.71
N PHE C 109 -5.76 -11.48 29.08
CA PHE C 109 -6.76 -12.41 28.57
C PHE C 109 -8.15 -11.94 28.95
N LEU C 110 -9.05 -11.98 27.99
CA LEU C 110 -10.42 -11.56 28.20
C LEU C 110 -11.42 -12.65 27.86
N ARG C 111 -11.24 -13.34 26.74
CA ARG C 111 -12.22 -14.30 26.27
C ARG C 111 -11.54 -15.39 25.45
N GLY C 112 -12.08 -16.59 25.55
CA GLY C 112 -11.68 -17.68 24.68
C GLY C 112 -12.92 -18.33 24.09
N TYR C 113 -12.70 -19.03 22.97
CA TYR C 113 -13.82 -19.69 22.31
C TYR C 113 -13.30 -20.86 21.49
N GLU C 114 -14.19 -21.82 21.26
CA GLU C 114 -13.90 -23.02 20.49
C GLU C 114 -15.22 -23.67 20.07
N GLN C 115 -15.33 -24.02 18.79
CA GLN C 115 -16.58 -24.50 18.21
C GLN C 115 -16.32 -25.50 17.07
N PHE C 116 -17.21 -26.47 16.98
CA PHE C 116 -17.19 -27.50 15.95
C PHE C 116 -18.48 -27.49 15.16
N ALA C 117 -18.38 -27.68 13.85
CA ALA C 117 -19.54 -27.72 12.98
C ALA C 117 -19.38 -28.86 11.98
N TYR C 118 -20.48 -29.55 11.72
CA TYR C 118 -20.51 -30.68 10.80
C TYR C 118 -21.54 -30.40 9.70
N ASP C 119 -21.09 -30.46 8.45
CA ASP C 119 -21.93 -30.17 7.29
C ASP C 119 -22.52 -28.76 7.39
N GLY C 120 -21.75 -27.84 7.94
CA GLY C 120 -22.09 -26.44 7.95
C GLY C 120 -22.93 -25.97 9.11
N LYS C 121 -23.21 -26.85 10.07
CA LYS C 121 -24.13 -26.53 11.16
C LYS C 121 -23.44 -26.84 12.48
N ASP C 122 -23.73 -26.00 13.49
CA ASP C 122 -23.16 -26.20 14.81
C ASP C 122 -23.27 -27.66 15.25
N TYR C 123 -22.21 -28.14 15.90
CA TYR C 123 -22.15 -29.51 16.38
C TYR C 123 -21.83 -29.53 17.89
N LEU C 124 -20.61 -29.17 18.27
CA LEU C 124 -20.20 -29.18 19.68
C LEU C 124 -19.56 -27.84 19.98
N THR C 125 -19.94 -27.25 21.11
CA THR C 125 -19.44 -25.93 21.49
C THR C 125 -18.88 -25.97 22.92
N LEU C 126 -17.67 -25.45 23.07
CA LEU C 126 -17.11 -25.20 24.40
C LEU C 126 -17.80 -23.98 25.01
N ASN C 127 -18.17 -24.08 26.28
CA ASN C 127 -18.94 -23.02 26.91
C ASN C 127 -18.03 -21.85 27.31
N GLU C 128 -18.67 -20.74 27.66
CA GLU C 128 -17.94 -19.50 27.93
C GLU C 128 -16.98 -19.65 29.10
N ASP C 129 -17.34 -20.43 30.13
CA ASP C 129 -16.42 -20.66 31.24
C ASP C 129 -15.29 -21.61 30.87
N LEU C 130 -15.37 -22.23 29.68
CA LEU C 130 -14.34 -23.14 29.18
C LEU C 130 -14.16 -24.35 30.09
N ARG C 131 -15.21 -24.74 30.80
CA ARG C 131 -15.13 -25.86 31.73
C ARG C 131 -15.99 -27.05 31.31
N SER C 132 -16.77 -26.92 30.25
CA SER C 132 -17.67 -27.98 29.81
C SER C 132 -18.06 -27.72 28.37
N TRP C 133 -18.65 -28.74 27.76
CA TRP C 133 -19.13 -28.68 26.39
C TRP C 133 -20.64 -28.76 26.37
N THR C 134 -21.23 -28.30 25.26
CA THR C 134 -22.67 -28.35 25.03
C THR C 134 -22.93 -28.85 23.62
N ALA C 135 -23.74 -29.89 23.50
CA ALA C 135 -24.00 -30.48 22.20
C ALA C 135 -25.23 -29.84 21.57
N VAL C 136 -25.13 -29.59 20.28
CA VAL C 136 -26.21 -29.02 19.50
C VAL C 136 -26.81 -30.17 18.69
N ASP C 137 -27.96 -30.67 19.15
CA ASP C 137 -28.70 -31.80 18.60
C ASP C 137 -28.15 -33.12 19.12
N THR C 138 -29.02 -34.13 19.18
CA THR C 138 -28.74 -35.36 19.94
C THR C 138 -27.48 -36.04 19.46
N ALA C 139 -27.17 -35.95 18.16
CA ALA C 139 -26.05 -36.70 17.58
C ALA C 139 -24.71 -36.33 18.22
N ALA C 140 -24.55 -35.09 18.65
CA ALA C 140 -23.32 -34.64 19.28
C ALA C 140 -23.21 -35.06 20.74
N GLN C 141 -24.21 -35.75 21.30
CA GLN C 141 -24.20 -36.02 22.74
C GLN C 141 -23.20 -37.09 23.14
N ILE C 142 -22.90 -38.06 22.27
CA ILE C 142 -21.80 -38.96 22.58
C ILE C 142 -20.48 -38.21 22.59
N SER C 143 -20.32 -37.27 21.65
CA SER C 143 -19.10 -36.45 21.62
C SER C 143 -18.98 -35.61 22.88
N GLU C 144 -20.10 -35.07 23.37
CA GLU C 144 -20.08 -34.28 24.60
C GLU C 144 -19.65 -35.13 25.77
N GLN C 145 -20.17 -36.36 25.86
CA GLN C 145 -19.77 -37.28 26.91
C GLN C 145 -18.28 -37.60 26.84
N LYS C 146 -17.81 -37.98 25.66
CA LYS C 146 -16.41 -38.32 25.48
C LYS C 146 -15.51 -37.15 25.84
N SER C 147 -15.86 -35.95 25.40
CA SER C 147 -15.04 -34.78 25.70
C SER C 147 -15.06 -34.46 27.19
N ASN C 148 -16.24 -34.53 27.82
CA ASN C 148 -16.32 -34.20 29.25
C ASN C 148 -15.59 -35.25 30.10
N ASP C 149 -15.72 -36.54 29.75
CA ASP C 149 -15.04 -37.58 30.51
C ASP C 149 -13.53 -37.55 30.29
N ALA C 150 -13.07 -37.05 29.14
CA ALA C 150 -11.65 -37.01 28.82
C ALA C 150 -11.01 -35.70 29.23
N SER C 151 -11.69 -34.88 30.03
CA SER C 151 -11.17 -33.59 30.48
C SER C 151 -10.68 -32.75 29.31
N GLU C 152 -11.44 -32.80 28.21
CA GLU C 152 -11.03 -32.09 27.01
C GLU C 152 -11.07 -30.58 27.21
N ALA C 153 -12.08 -30.10 27.94
CA ALA C 153 -12.20 -28.66 28.17
C ALA C 153 -11.00 -28.10 28.93
N GLU C 154 -10.36 -28.91 29.77
CA GLU C 154 -9.18 -28.42 30.49
C GLU C 154 -7.97 -28.32 29.56
N HIS C 155 -7.82 -29.24 28.61
CA HIS C 155 -6.74 -29.10 27.65
C HIS C 155 -6.94 -27.86 26.78
N GLN C 156 -8.16 -27.65 26.31
CA GLN C 156 -8.43 -26.49 25.47
C GLN C 156 -8.32 -25.19 26.26
N ARG C 157 -8.79 -25.18 27.50
CA ARG C 157 -8.66 -23.99 28.35
C ARG C 157 -7.20 -23.67 28.62
N ALA C 158 -6.35 -24.70 28.76
CA ALA C 158 -4.92 -24.43 28.91
C ALA C 158 -4.34 -23.80 27.66
N TYR C 159 -4.72 -24.30 26.49
CA TYR C 159 -4.24 -23.69 25.25
C TYR C 159 -4.79 -22.27 25.10
N LEU C 160 -6.08 -22.09 25.34
CA LEU C 160 -6.70 -20.79 25.10
C LEU C 160 -6.21 -19.72 26.08
N GLU C 161 -6.07 -20.07 27.37
CA GLU C 161 -5.71 -19.10 28.39
C GLU C 161 -4.21 -18.87 28.50
N ASP C 162 -3.38 -19.87 28.17
CA ASP C 162 -1.94 -19.78 28.36
C ASP C 162 -1.21 -19.70 27.04
N THR C 163 -1.20 -20.80 26.25
CA THR C 163 -0.40 -20.82 25.03
C THR C 163 -0.86 -19.76 24.05
N CYS C 164 -2.17 -19.66 23.82
CA CYS C 164 -2.71 -18.74 22.84
C CYS C 164 -2.38 -17.30 23.22
N VAL C 165 -2.49 -16.96 24.51
CA VAL C 165 -2.22 -15.60 24.96
C VAL C 165 -0.74 -15.27 24.84
N GLU C 166 0.13 -16.19 25.25
CA GLU C 166 1.57 -15.93 25.20
C GLU C 166 2.03 -15.72 23.76
N TRP C 167 1.60 -16.60 22.85
CA TRP C 167 2.05 -16.50 21.46
C TRP C 167 1.40 -15.35 20.72
N LEU C 168 0.20 -14.93 21.14
CA LEU C 168 -0.40 -13.74 20.56
C LEU C 168 0.43 -12.50 20.90
N HIS C 169 0.97 -12.43 22.11
CA HIS C 169 1.88 -11.33 22.46
C HIS C 169 3.11 -11.33 21.56
N LYS C 170 3.70 -12.51 21.34
CA LYS C 170 4.86 -12.63 20.46
C LYS C 170 4.52 -12.20 19.04
N TYR C 171 3.37 -12.63 18.52
CA TYR C 171 2.97 -12.22 17.18
C TYR C 171 2.75 -10.72 17.10
N LEU C 172 2.08 -10.15 18.11
CA LEU C 172 1.84 -8.71 18.13
C LEU C 172 3.13 -7.90 18.21
N GLU C 173 4.21 -8.50 18.73
CA GLU C 173 5.47 -7.78 18.73
C GLU C 173 6.18 -7.90 17.39
N LYS C 174 6.20 -9.10 16.81
CA LYS C 174 6.92 -9.32 15.55
C LYS C 174 6.29 -8.55 14.39
N GLY C 175 4.98 -8.31 14.43
CA GLY C 175 4.34 -7.56 13.36
C GLY C 175 3.82 -6.23 13.88
N LYS C 176 4.59 -5.58 14.76
CA LYS C 176 4.12 -4.37 15.44
C LYS C 176 3.74 -3.27 14.46
N GLU C 177 4.61 -3.02 13.48
CA GLU C 177 4.38 -1.93 12.53
C GLU C 177 3.20 -2.20 11.60
N THR C 178 2.75 -3.46 11.52
CA THR C 178 1.60 -3.85 10.72
C THR C 178 0.37 -4.14 11.57
N LEU C 179 0.49 -5.03 12.56
CA LEU C 179 -0.66 -5.49 13.33
C LEU C 179 -1.23 -4.38 14.21
N LEU C 180 -0.38 -3.58 14.84
CA LEU C 180 -0.80 -2.50 15.70
C LEU C 180 -1.02 -1.19 14.95
N HIS C 181 -0.97 -1.21 13.62
CA HIS C 181 -1.13 -0.02 12.79
C HIS C 181 -2.57 0.11 12.32
N LEU C 182 -3.14 1.30 12.51
CA LEU C 182 -4.50 1.58 12.08
C LEU C 182 -4.48 2.35 10.77
N GLU C 183 -5.20 1.87 9.78
CA GLU C 183 -5.22 2.53 8.48
C GLU C 183 -6.57 3.18 8.27
N PRO C 184 -6.66 4.51 8.19
CA PRO C 184 -7.97 5.14 8.08
C PRO C 184 -8.54 4.94 6.69
N PRO C 185 -9.86 4.95 6.54
CA PRO C 185 -10.45 4.82 5.20
C PRO C 185 -10.31 6.10 4.40
N LYS C 186 -10.07 5.95 3.10
CA LYS C 186 -10.06 7.06 2.17
C LYS C 186 -11.44 7.14 1.51
N THR C 187 -12.10 8.29 1.64
CA THR C 187 -13.52 8.38 1.38
C THR C 187 -13.84 9.42 0.31
N HIS C 188 -14.86 9.13 -0.49
CA HIS C 188 -15.37 10.08 -1.47
C HIS C 188 -16.77 9.63 -1.90
N VAL C 189 -17.53 10.57 -2.45
CA VAL C 189 -18.89 10.32 -2.89
C VAL C 189 -18.95 10.47 -4.40
N THR C 190 -19.59 9.51 -5.08
CA THR C 190 -19.81 9.57 -6.51
C THR C 190 -21.30 9.67 -6.79
N HIS C 191 -21.60 10.18 -7.98
CA HIS C 191 -22.95 10.55 -8.39
C HIS C 191 -23.21 9.88 -9.73
N HIS C 192 -24.26 9.07 -9.79
CA HIS C 192 -24.61 8.31 -10.98
C HIS C 192 -26.09 8.49 -11.23
N PRO C 193 -26.47 9.34 -12.18
CA PRO C 193 -27.91 9.59 -12.43
C PRO C 193 -28.56 8.36 -13.07
N ILE C 194 -29.62 7.86 -12.43
CA ILE C 194 -30.40 6.77 -13.03
C ILE C 194 -31.28 7.31 -14.15
N SER C 195 -31.96 8.43 -13.89
CA SER C 195 -32.88 9.02 -14.85
C SER C 195 -32.79 10.54 -14.72
N ASP C 196 -33.74 11.25 -15.33
CA ASP C 196 -33.77 12.69 -15.23
C ASP C 196 -34.17 13.17 -13.84
N HIS C 197 -34.94 12.36 -13.09
CA HIS C 197 -35.44 12.79 -11.79
C HIS C 197 -34.83 12.03 -10.62
N GLU C 198 -34.00 11.03 -10.87
CA GLU C 198 -33.38 10.29 -9.77
C GLU C 198 -31.92 10.06 -10.06
N ALA C 199 -31.15 9.88 -8.99
CA ALA C 199 -29.71 9.64 -9.09
C ALA C 199 -29.25 8.83 -7.89
N THR C 200 -28.11 8.16 -8.07
CA THR C 200 -27.53 7.32 -7.02
C THR C 200 -26.30 8.02 -6.47
N LEU C 201 -26.24 8.15 -5.15
CA LEU C 201 -25.07 8.66 -4.45
C LEU C 201 -24.39 7.47 -3.78
N ARG C 202 -23.18 7.15 -4.22
CA ARG C 202 -22.43 6.01 -3.71
C ARG C 202 -21.24 6.53 -2.89
N CYS C 203 -21.22 6.15 -1.61
CA CYS C 203 -20.20 6.60 -0.67
C CYS C 203 -19.16 5.49 -0.53
N TRP C 204 -17.92 5.79 -0.89
CA TRP C 204 -16.85 4.81 -0.90
C TRP C 204 -15.96 4.95 0.32
N ALA C 205 -15.53 3.81 0.86
CA ALA C 205 -14.48 3.73 1.88
C ALA C 205 -13.43 2.77 1.36
N LEU C 206 -12.23 3.28 1.08
CA LEU C 206 -11.18 2.53 0.42
C LEU C 206 -9.95 2.40 1.30
N GLY C 207 -9.29 1.24 1.23
CA GLY C 207 -7.98 1.01 1.82
C GLY C 207 -7.86 1.17 3.32
N PHE C 208 -8.76 0.56 4.09
CA PHE C 208 -8.73 0.70 5.54
C PHE C 208 -8.41 -0.63 6.22
N TYR C 209 -7.86 -0.54 7.44
CA TYR C 209 -7.57 -1.69 8.27
C TYR C 209 -7.68 -1.20 9.72
N PRO C 210 -8.35 -1.96 10.61
CA PRO C 210 -8.96 -3.26 10.35
C PRO C 210 -10.30 -3.16 9.61
N ALA C 211 -10.96 -4.30 9.39
CA ALA C 211 -12.13 -4.37 8.51
C ALA C 211 -13.40 -3.78 9.12
N GLU C 212 -13.48 -3.68 10.44
CA GLU C 212 -14.66 -3.12 11.09
C GLU C 212 -14.85 -1.67 10.67
N ILE C 213 -16.03 -1.35 10.13
CA ILE C 213 -16.31 -0.02 9.63
C ILE C 213 -17.82 0.16 9.57
N THR C 214 -18.26 1.41 9.59
CA THR C 214 -19.69 1.74 9.51
C THR C 214 -19.90 2.88 8.53
N LEU C 215 -20.76 2.65 7.55
CA LEU C 215 -21.18 3.69 6.61
C LEU C 215 -22.66 3.96 6.82
N THR C 216 -23.02 5.22 6.97
CA THR C 216 -24.41 5.61 7.15
C THR C 216 -24.74 6.77 6.24
N TRP C 217 -25.93 6.73 5.65
CA TRP C 217 -26.45 7.85 4.89
C TRP C 217 -27.50 8.56 5.72
N GLN C 218 -27.39 9.87 5.81
CA GLN C 218 -28.29 10.68 6.61
C GLN C 218 -28.92 11.74 5.73
N GLN C 219 -30.16 12.10 6.05
CA GLN C 219 -30.89 13.17 5.38
C GLN C 219 -31.27 14.18 6.45
N ASP C 220 -30.42 15.21 6.63
CA ASP C 220 -30.54 16.20 7.68
C ASP C 220 -30.33 15.63 9.08
N GLY C 221 -31.11 14.60 9.43
CA GLY C 221 -31.07 14.06 10.77
C GLY C 221 -31.05 12.54 10.82
N GLN C 226 -33.24 5.47 5.82
CA GLN C 226 -32.75 5.33 4.44
C GLN C 226 -32.83 3.90 3.95
N ASP C 227 -33.27 3.72 2.70
CA ASP C 227 -33.24 2.42 2.04
C ASP C 227 -31.87 2.33 1.38
N THR C 228 -30.89 1.86 2.14
CA THR C 228 -29.48 1.90 1.77
C THR C 228 -29.02 0.57 1.19
N GLU C 229 -28.45 0.61 -0.02
CA GLU C 229 -27.76 -0.56 -0.56
C GLU C 229 -26.35 -0.59 0.01
N LEU C 230 -26.00 -1.71 0.66
CA LEU C 230 -24.76 -1.84 1.42
C LEU C 230 -24.07 -3.14 1.04
N VAL C 231 -22.87 -3.05 0.50
CA VAL C 231 -22.11 -4.22 0.09
C VAL C 231 -21.33 -4.76 1.29
N GLU C 232 -21.10 -6.06 1.26
CA GLU C 232 -20.25 -6.68 2.26
C GLU C 232 -18.81 -6.17 2.11
N THR C 233 -18.18 -5.91 3.24
CA THR C 233 -16.78 -5.50 3.26
C THR C 233 -15.92 -6.54 2.56
N ARG C 234 -15.10 -6.07 1.62
CA ARG C 234 -14.36 -6.95 0.72
C ARG C 234 -12.86 -6.69 0.81
N PRO C 235 -12.04 -7.74 0.67
CA PRO C 235 -10.59 -7.54 0.73
C PRO C 235 -10.10 -6.86 -0.53
N ALA C 236 -9.25 -5.84 -0.36
CA ALA C 236 -8.63 -5.21 -1.51
C ALA C 236 -7.56 -6.09 -2.11
N GLY C 237 -7.05 -7.06 -1.34
CA GLY C 237 -6.00 -7.95 -1.78
C GLY C 237 -4.61 -7.54 -1.37
N ASP C 238 -4.44 -6.36 -0.78
CA ASP C 238 -3.14 -5.85 -0.36
C ASP C 238 -3.02 -5.74 1.16
N GLY C 239 -4.01 -6.26 1.90
CA GLY C 239 -4.04 -6.17 3.34
C GLY C 239 -5.06 -5.19 3.90
N THR C 240 -5.65 -4.33 3.07
CA THR C 240 -6.68 -3.39 3.49
C THR C 240 -8.04 -3.83 2.94
N PHE C 241 -9.08 -3.06 3.23
CA PHE C 241 -10.44 -3.45 2.89
C PHE C 241 -11.19 -2.32 2.23
N GLN C 242 -12.27 -2.69 1.54
CA GLN C 242 -13.13 -1.75 0.83
C GLN C 242 -14.57 -1.96 1.24
N LYS C 243 -15.36 -0.90 1.09
CA LYS C 243 -16.80 -0.95 1.28
C LYS C 243 -17.42 0.28 0.65
N TRP C 244 -18.68 0.17 0.25
CA TRP C 244 -19.41 1.36 -0.18
C TRP C 244 -20.89 1.23 0.20
N ALA C 245 -21.56 2.37 0.24
CA ALA C 245 -22.97 2.47 0.53
C ALA C 245 -23.61 3.44 -0.44
N ALA C 246 -24.68 3.01 -1.11
CA ALA C 246 -25.37 3.83 -2.09
C ALA C 246 -26.81 4.08 -1.66
N VAL C 247 -27.32 5.24 -2.04
CA VAL C 247 -28.71 5.62 -1.79
C VAL C 247 -29.22 6.33 -3.03
N VAL C 248 -30.49 6.09 -3.35
CA VAL C 248 -31.13 6.71 -4.51
C VAL C 248 -31.84 7.97 -4.04
N VAL C 249 -31.54 9.10 -4.66
CA VAL C 249 -32.08 10.38 -4.22
C VAL C 249 -32.72 11.11 -5.40
N PRO C 250 -33.68 12.01 -5.17
CA PRO C 250 -34.21 12.80 -6.27
C PRO C 250 -33.20 13.81 -6.78
N SER C 251 -33.28 14.11 -8.06
CA SER C 251 -32.30 14.98 -8.70
C SER C 251 -32.42 16.40 -8.19
N GLY C 252 -31.27 17.03 -7.92
CA GLY C 252 -31.21 18.34 -7.33
C GLY C 252 -31.28 18.37 -5.82
N GLU C 253 -31.77 17.30 -5.19
CA GLU C 253 -31.85 17.20 -3.74
C GLU C 253 -30.64 16.49 -3.15
N GLU C 254 -29.51 16.48 -3.85
CA GLU C 254 -28.36 15.70 -3.41
C GLU C 254 -27.70 16.30 -2.19
N GLN C 255 -27.58 17.63 -2.14
CA GLN C 255 -26.84 18.28 -1.05
C GLN C 255 -27.50 18.10 0.31
N ARG C 256 -28.73 17.61 0.35
CA ARG C 256 -29.45 17.33 1.59
C ARG C 256 -29.12 15.94 2.14
N TYR C 257 -28.18 15.22 1.52
CA TYR C 257 -27.74 13.91 1.96
C TYR C 257 -26.27 13.96 2.38
N THR C 258 -25.94 13.15 3.39
CA THR C 258 -24.63 13.15 4.01
C THR C 258 -24.22 11.72 4.33
N CYS C 259 -22.96 11.38 4.03
CA CYS C 259 -22.40 10.07 4.35
C CYS C 259 -21.56 10.19 5.60
N HIS C 260 -21.73 9.24 6.52
CA HIS C 260 -21.02 9.25 7.79
C HIS C 260 -20.20 7.98 7.88
N VAL C 261 -18.89 8.15 8.03
CA VAL C 261 -17.94 7.04 8.06
C VAL C 261 -17.33 7.00 9.44
N GLN C 262 -17.41 5.83 10.08
CA GLN C 262 -16.79 5.58 11.37
C GLN C 262 -15.78 4.46 11.21
N HIS C 263 -14.60 4.65 11.77
CA HIS C 263 -13.56 3.65 11.71
C HIS C 263 -12.56 3.92 12.83
N GLU C 264 -11.93 2.85 13.31
CA GLU C 264 -10.98 2.98 14.41
C GLU C 264 -9.81 3.90 14.05
N GLY C 265 -9.41 3.94 12.78
CA GLY C 265 -8.34 4.81 12.35
C GLY C 265 -8.70 6.26 12.16
N LEU C 266 -9.93 6.66 12.47
CA LEU C 266 -10.38 8.04 12.32
C LEU C 266 -10.47 8.70 13.68
N PRO C 267 -9.72 9.77 13.95
CA PRO C 267 -9.86 10.46 15.25
C PRO C 267 -11.29 10.90 15.54
N GLU C 268 -12.00 11.43 14.55
CA GLU C 268 -13.42 11.73 14.66
C GLU C 268 -14.10 11.23 13.40
N PRO C 269 -15.37 10.81 13.50
CA PRO C 269 -16.06 10.36 12.29
C PRO C 269 -16.10 11.45 11.24
N VAL C 270 -16.00 11.06 9.98
CA VAL C 270 -15.99 11.99 8.87
C VAL C 270 -17.37 12.00 8.22
N THR C 271 -17.72 13.13 7.62
CA THR C 271 -19.01 13.33 6.99
C THR C 271 -18.76 13.81 5.57
N LEU C 272 -19.55 13.33 4.62
CA LEU C 272 -19.34 13.64 3.22
C LEU C 272 -20.63 14.02 2.54
N ARG C 273 -20.56 15.02 1.68
CA ARG C 273 -21.60 15.30 0.70
C ARG C 273 -21.00 15.17 -0.70
N TRP C 274 -21.81 15.50 -1.69
CA TRP C 274 -21.32 15.52 -3.06
C TRP C 274 -21.41 16.93 -3.63
N MET D 1 -27.96 -32.23 4.89
CA MET D 1 -26.85 -31.31 4.68
C MET D 1 -27.34 -30.00 4.07
N ILE D 2 -27.07 -28.88 4.76
CA ILE D 2 -27.54 -27.58 4.31
C ILE D 2 -26.47 -26.93 3.43
N GLN D 3 -26.92 -26.29 2.36
CA GLN D 3 -26.02 -25.72 1.37
C GLN D 3 -26.38 -24.26 1.12
N ARG D 4 -25.36 -23.41 0.97
CA ARG D 4 -25.55 -21.98 0.80
C ARG D 4 -24.91 -21.50 -0.50
N THR D 5 -25.63 -20.66 -1.25
CA THR D 5 -25.12 -20.21 -2.53
C THR D 5 -24.15 -19.03 -2.34
N PRO D 6 -23.11 -18.94 -3.15
CA PRO D 6 -22.11 -17.89 -2.95
C PRO D 6 -22.60 -16.51 -3.41
N LYS D 7 -22.23 -15.50 -2.63
CA LYS D 7 -22.35 -14.11 -3.03
C LYS D 7 -21.07 -13.67 -3.75
N ILE D 8 -21.22 -12.79 -4.73
CA ILE D 8 -20.12 -12.48 -5.65
C ILE D 8 -19.90 -10.97 -5.71
N GLN D 9 -18.63 -10.56 -5.76
CA GLN D 9 -18.26 -9.17 -6.01
C GLN D 9 -17.04 -9.14 -6.92
N VAL D 10 -17.12 -8.39 -8.01
CA VAL D 10 -15.98 -8.12 -8.88
C VAL D 10 -15.59 -6.67 -8.72
N TYR D 11 -14.30 -6.40 -8.61
CA TYR D 11 -13.84 -5.05 -8.30
C TYR D 11 -12.32 -5.02 -8.46
N SER D 12 -11.78 -3.82 -8.50
CA SER D 12 -10.35 -3.62 -8.65
C SER D 12 -9.71 -3.23 -7.32
N ARG D 13 -8.41 -3.52 -7.19
CA ARG D 13 -7.71 -3.15 -5.97
C ARG D 13 -7.68 -1.64 -5.81
N HIS D 14 -7.35 -0.92 -6.88
CA HIS D 14 -7.30 0.53 -6.89
C HIS D 14 -8.37 1.08 -7.83
N PRO D 15 -8.76 2.34 -7.67
CA PRO D 15 -9.62 2.97 -8.68
C PRO D 15 -9.00 2.82 -10.06
N ALA D 16 -9.81 2.35 -10.99
CA ALA D 16 -9.30 2.03 -12.32
C ALA D 16 -8.95 3.31 -13.07
N GLU D 17 -7.84 3.26 -13.80
CA GLU D 17 -7.40 4.34 -14.66
C GLU D 17 -6.82 3.68 -15.90
N ASN D 18 -7.42 3.94 -17.06
CA ASN D 18 -7.04 3.23 -18.27
C ASN D 18 -5.56 3.38 -18.56
N GLY D 19 -4.89 2.26 -18.79
CA GLY D 19 -3.48 2.23 -19.04
C GLY D 19 -2.64 1.88 -17.82
N LYS D 20 -3.21 1.96 -16.62
CA LYS D 20 -2.47 1.77 -15.38
C LYS D 20 -2.65 0.35 -14.87
N SER D 21 -1.54 -0.32 -14.57
CA SER D 21 -1.59 -1.66 -14.01
C SER D 21 -2.35 -1.66 -12.69
N ASN D 22 -3.11 -2.72 -12.46
CA ASN D 22 -4.02 -2.81 -11.33
C ASN D 22 -4.21 -4.30 -11.01
N PHE D 23 -5.17 -4.60 -10.13
CA PHE D 23 -5.52 -5.97 -9.77
C PHE D 23 -7.03 -6.12 -9.84
N LEU D 24 -7.49 -7.13 -10.58
CA LEU D 24 -8.91 -7.44 -10.70
C LEU D 24 -9.28 -8.50 -9.66
N ASN D 25 -10.30 -8.21 -8.85
CA ASN D 25 -10.66 -9.05 -7.73
C ASN D 25 -12.04 -9.67 -7.93
N CYS D 26 -12.16 -10.96 -7.62
CA CYS D 26 -13.44 -11.63 -7.51
C CYS D 26 -13.55 -12.23 -6.11
N TYR D 27 -14.46 -11.69 -5.30
CA TYR D 27 -14.64 -12.12 -3.92
C TYR D 27 -15.93 -12.90 -3.79
N VAL D 28 -15.81 -14.21 -3.54
CA VAL D 28 -16.96 -15.06 -3.27
C VAL D 28 -17.02 -15.38 -1.79
N SER D 29 -18.23 -15.37 -1.23
CA SER D 29 -18.40 -15.59 0.20
C SER D 29 -19.79 -16.16 0.47
N GLY D 30 -19.97 -16.62 1.71
CA GLY D 30 -21.25 -17.12 2.16
C GLY D 30 -21.66 -18.47 1.62
N PHE D 31 -20.76 -19.19 0.97
CA PHE D 31 -21.13 -20.45 0.34
C PHE D 31 -20.78 -21.65 1.23
N HIS D 32 -21.47 -22.76 0.97
CA HIS D 32 -21.28 -24.04 1.63
C HIS D 32 -21.91 -25.14 0.78
N PRO D 33 -21.21 -26.25 0.49
CA PRO D 33 -19.85 -26.59 0.92
C PRO D 33 -18.75 -25.80 0.22
N SER D 34 -17.51 -26.09 0.57
CA SER D 34 -16.37 -25.27 0.18
C SER D 34 -16.00 -25.40 -1.29
N ASP D 35 -16.40 -26.48 -1.96
CA ASP D 35 -15.97 -26.68 -3.34
C ASP D 35 -16.64 -25.65 -4.25
N ILE D 36 -15.83 -24.96 -5.06
CA ILE D 36 -16.32 -23.85 -5.88
C ILE D 36 -15.38 -23.69 -7.06
N GLU D 37 -15.92 -23.24 -8.19
CA GLU D 37 -15.12 -22.94 -9.39
C GLU D 37 -15.27 -21.47 -9.73
N VAL D 38 -14.15 -20.77 -9.80
CA VAL D 38 -14.14 -19.34 -10.07
C VAL D 38 -13.09 -19.05 -11.15
N ASP D 39 -13.53 -18.46 -12.26
CA ASP D 39 -12.65 -17.98 -13.30
C ASP D 39 -12.78 -16.47 -13.42
N LEU D 40 -11.67 -15.83 -13.77
CA LEU D 40 -11.70 -14.44 -14.22
C LEU D 40 -11.69 -14.42 -15.74
N LEU D 41 -12.52 -13.56 -16.32
CA LEU D 41 -12.72 -13.51 -17.76
C LEU D 41 -12.23 -12.18 -18.32
N LYS D 42 -11.53 -12.25 -19.46
CA LYS D 42 -11.18 -11.07 -20.24
C LYS D 42 -11.84 -11.20 -21.60
N ASN D 43 -12.80 -10.32 -21.89
CA ASN D 43 -13.57 -10.34 -23.13
C ASN D 43 -14.16 -11.73 -23.36
N GLY D 44 -14.84 -12.25 -22.34
CA GLY D 44 -15.52 -13.51 -22.42
C GLY D 44 -14.63 -14.73 -22.28
N GLU D 45 -13.32 -14.55 -22.45
CA GLU D 45 -12.35 -15.64 -22.44
C GLU D 45 -11.69 -15.74 -21.06
N ARG D 46 -11.36 -16.97 -20.68
CA ARG D 46 -10.84 -17.26 -19.35
C ARG D 46 -9.38 -16.80 -19.20
N ILE D 47 -9.10 -16.06 -18.13
CA ILE D 47 -7.75 -15.62 -17.81
C ILE D 47 -6.98 -16.75 -17.15
N GLU D 48 -5.80 -17.07 -17.66
CA GLU D 48 -4.99 -18.10 -17.06
C GLU D 48 -4.17 -17.54 -15.90
N LYS D 49 -3.64 -18.45 -15.08
CA LYS D 49 -2.75 -18.11 -13.96
C LYS D 49 -3.42 -17.08 -13.05
N VAL D 50 -4.54 -17.49 -12.48
CA VAL D 50 -5.29 -16.70 -11.52
C VAL D 50 -5.07 -17.32 -10.14
N GLU D 51 -4.69 -16.49 -9.18
CA GLU D 51 -4.41 -16.95 -7.83
C GLU D 51 -5.64 -16.76 -6.95
N HIS D 52 -5.61 -17.43 -5.80
CA HIS D 52 -6.70 -17.29 -4.85
C HIS D 52 -6.16 -17.42 -3.44
N SER D 53 -6.90 -16.85 -2.49
CA SER D 53 -6.55 -16.91 -1.08
C SER D 53 -6.79 -18.31 -0.52
N ASP D 54 -6.26 -18.56 0.66
CA ASP D 54 -6.48 -19.84 1.34
C ASP D 54 -7.88 -19.90 1.95
N LEU D 55 -8.48 -21.08 1.86
CA LEU D 55 -9.86 -21.27 2.30
C LEU D 55 -10.04 -20.90 3.77
N SER D 56 -11.02 -20.05 4.04
CA SER D 56 -11.35 -19.66 5.40
C SER D 56 -12.87 -19.59 5.48
N PHE D 57 -13.40 -19.37 6.69
CA PHE D 57 -14.84 -19.26 6.84
C PHE D 57 -15.20 -18.25 7.91
N SER D 58 -16.48 -17.90 7.94
CA SER D 58 -17.05 -16.90 8.84
C SER D 58 -17.70 -17.55 10.05
N LYS D 59 -18.17 -16.72 10.98
CA LYS D 59 -18.76 -17.23 12.22
C LYS D 59 -19.94 -18.16 11.93
N ASP D 60 -20.69 -17.89 10.87
CA ASP D 60 -21.82 -18.73 10.49
C ASP D 60 -21.41 -19.98 9.71
N TRP D 61 -20.11 -20.27 9.63
CA TRP D 61 -19.50 -21.47 9.03
C TRP D 61 -19.44 -21.43 7.51
N SER D 62 -19.86 -20.35 6.86
CA SER D 62 -19.78 -20.27 5.40
C SER D 62 -18.41 -19.76 4.98
N PHE D 63 -17.96 -20.22 3.80
CA PHE D 63 -16.60 -19.98 3.33
C PHE D 63 -16.51 -18.69 2.53
N TYR D 64 -15.29 -18.17 2.42
CA TYR D 64 -15.03 -17.02 1.57
C TYR D 64 -13.66 -17.14 0.93
N LEU D 65 -13.58 -16.84 -0.37
CA LEU D 65 -12.33 -16.85 -1.11
C LEU D 65 -12.19 -15.56 -1.91
N LEU D 66 -10.95 -15.16 -2.16
CA LEU D 66 -10.65 -14.06 -3.06
C LEU D 66 -9.84 -14.61 -4.22
N TYR D 67 -10.27 -14.30 -5.44
CA TYR D 67 -9.54 -14.64 -6.65
C TYR D 67 -9.07 -13.34 -7.30
N TYR D 68 -7.81 -13.31 -7.75
CA TYR D 68 -7.23 -12.05 -8.19
C TYR D 68 -6.19 -12.29 -9.27
N THR D 69 -6.03 -11.30 -10.14
CA THR D 69 -4.97 -11.32 -11.14
C THR D 69 -4.57 -9.88 -11.45
N GLU D 70 -3.34 -9.72 -11.92
CA GLU D 70 -2.92 -8.43 -12.45
C GLU D 70 -3.68 -8.17 -13.75
N PHE D 71 -4.10 -6.92 -13.93
CA PHE D 71 -4.67 -6.53 -15.21
C PHE D 71 -4.48 -5.03 -15.43
N THR D 72 -4.46 -4.65 -16.69
CA THR D 72 -4.45 -3.26 -17.10
C THR D 72 -5.80 -2.92 -17.71
N PRO D 73 -6.66 -2.19 -17.00
CA PRO D 73 -7.95 -1.83 -17.59
C PRO D 73 -7.75 -0.88 -18.76
N THR D 74 -8.64 -1.02 -19.75
CA THR D 74 -8.63 -0.17 -20.93
C THR D 74 -10.05 0.35 -21.15
N GLU D 75 -10.22 1.17 -22.18
CA GLU D 75 -11.56 1.63 -22.52
C GLU D 75 -12.39 0.49 -23.10
N LYS D 76 -11.76 -0.38 -23.89
CA LYS D 76 -12.47 -1.37 -24.70
C LYS D 76 -12.51 -2.76 -24.09
N ASP D 77 -11.53 -3.16 -23.28
CA ASP D 77 -11.53 -4.51 -22.75
C ASP D 77 -12.58 -4.68 -21.65
N GLU D 78 -13.25 -5.83 -21.66
CA GLU D 78 -14.25 -6.16 -20.66
C GLU D 78 -13.71 -7.25 -19.74
N TYR D 79 -14.04 -7.15 -18.46
CA TYR D 79 -13.65 -8.17 -17.50
C TYR D 79 -14.87 -8.61 -16.70
N ALA D 80 -14.89 -9.89 -16.33
CA ALA D 80 -16.00 -10.45 -15.56
C ALA D 80 -15.50 -11.63 -14.73
N CYS D 81 -16.34 -12.05 -13.77
CA CYS D 81 -16.10 -13.24 -12.96
C CYS D 81 -17.12 -14.31 -13.33
N ARG D 82 -16.67 -15.56 -13.38
CA ARG D 82 -17.54 -16.70 -13.64
C ARG D 82 -17.44 -17.64 -12.46
N VAL D 83 -18.55 -17.84 -11.75
CA VAL D 83 -18.57 -18.62 -10.52
C VAL D 83 -19.55 -19.77 -10.68
N ASN D 84 -19.11 -20.97 -10.28
CA ASN D 84 -19.95 -22.15 -10.29
C ASN D 84 -19.91 -22.81 -8.93
N HIS D 85 -21.03 -23.41 -8.54
CA HIS D 85 -21.20 -23.99 -7.21
C HIS D 85 -22.30 -25.03 -7.30
N VAL D 86 -22.30 -25.95 -6.34
CA VAL D 86 -23.26 -27.04 -6.39
C VAL D 86 -24.68 -26.51 -6.26
N THR D 87 -24.85 -25.37 -5.56
CA THR D 87 -26.19 -24.78 -5.44
C THR D 87 -26.72 -24.21 -6.75
N LEU D 88 -25.90 -24.15 -7.80
CA LEU D 88 -26.28 -23.50 -9.05
C LEU D 88 -26.53 -24.54 -10.13
N SER D 89 -27.50 -24.26 -11.00
CA SER D 89 -27.73 -25.09 -12.16
C SER D 89 -26.79 -24.74 -13.32
N GLN D 90 -26.03 -23.68 -13.18
CA GLN D 90 -25.31 -23.04 -14.26
C GLN D 90 -24.41 -21.97 -13.65
N PRO D 91 -23.23 -21.71 -14.19
CA PRO D 91 -22.39 -20.67 -13.59
C PRO D 91 -23.02 -19.29 -13.74
N LYS D 92 -22.73 -18.44 -12.75
CA LYS D 92 -23.09 -17.03 -12.81
C LYS D 92 -21.92 -16.21 -13.34
N ILE D 93 -22.23 -15.22 -14.16
CA ILE D 93 -21.25 -14.32 -14.75
C ILE D 93 -21.59 -12.91 -14.30
N VAL D 94 -20.68 -12.29 -13.55
CA VAL D 94 -20.84 -10.93 -13.05
C VAL D 94 -19.79 -10.04 -13.72
N LYS D 95 -20.25 -9.05 -14.48
CA LYS D 95 -19.35 -8.16 -15.20
C LYS D 95 -18.70 -7.15 -14.25
N TRP D 96 -17.49 -6.71 -14.61
CA TRP D 96 -16.77 -5.72 -13.82
C TRP D 96 -17.24 -4.32 -14.19
N ASP D 97 -17.88 -3.65 -13.25
CA ASP D 97 -18.21 -2.24 -13.36
C ASP D 97 -17.23 -1.46 -12.49
N ARG D 98 -16.45 -0.57 -13.12
CA ARG D 98 -15.42 0.16 -12.39
C ARG D 98 -16.01 1.19 -11.45
N ASP D 99 -17.31 1.47 -11.54
CA ASP D 99 -17.99 2.36 -10.59
C ASP D 99 -18.58 1.60 -9.41
N MET D 100 -18.22 0.33 -9.23
CA MET D 100 -18.79 -0.51 -8.17
C MET D 100 -17.77 -1.45 -7.55
N ARG E 1 -1.37 26.73 -3.89
CA ARG E 1 -1.90 27.56 -4.96
C ARG E 1 -0.77 28.22 -5.75
N PHE E 2 -0.72 27.93 -7.05
CA PHE E 2 0.29 28.50 -7.93
C PHE E 2 0.32 30.02 -7.79
N PRO E 3 1.50 30.63 -7.77
CA PRO E 3 1.58 32.10 -7.71
C PRO E 3 1.04 32.75 -8.97
N ALA E 4 0.48 33.95 -8.80
CA ALA E 4 -0.10 34.66 -9.93
C ALA E 4 0.97 35.06 -10.96
N LYS E 5 2.20 35.29 -10.52
CA LYS E 5 3.29 35.68 -11.40
C LYS E 5 4.60 35.14 -10.87
N ALA E 6 5.65 35.29 -11.66
CA ALA E 6 7.00 35.02 -11.19
C ALA E 6 7.86 36.27 -11.35
N PRO E 7 8.85 36.47 -10.48
CA PRO E 7 9.69 37.68 -10.57
C PRO E 7 10.34 37.81 -11.94
N LEU E 8 10.45 39.06 -12.41
CA LEU E 8 11.25 39.35 -13.60
C LEU E 8 12.71 39.44 -13.20
N LEU E 9 13.56 38.68 -13.89
CA LEU E 9 14.98 38.70 -13.62
C LEU E 9 15.69 39.63 -14.62
N ARG F 1 0.06 -19.97 17.06
CA ARG F 1 0.60 -21.29 17.36
C ARG F 1 -0.51 -22.34 17.41
N PHE F 2 -0.29 -23.47 16.72
CA PHE F 2 -1.30 -24.52 16.61
C PHE F 2 -1.70 -25.01 17.99
N PRO F 3 -2.89 -25.59 18.12
CA PRO F 3 -3.26 -26.23 19.39
C PRO F 3 -2.41 -27.47 19.64
N ALA F 4 -2.28 -27.82 20.91
CA ALA F 4 -1.49 -29.00 21.23
C ALA F 4 -2.28 -30.29 21.02
N LYS F 5 -3.60 -30.24 21.21
CA LYS F 5 -4.45 -31.43 21.17
C LYS F 5 -5.69 -31.17 20.35
N ALA F 6 -5.94 -32.02 19.37
CA ALA F 6 -7.21 -31.96 18.63
C ALA F 6 -8.23 -32.87 19.30
N PRO F 7 -9.42 -32.37 19.63
CA PRO F 7 -10.41 -33.21 20.30
C PRO F 7 -10.84 -34.40 19.46
N LEU F 8 -10.83 -35.59 20.05
CA LEU F 8 -11.49 -36.75 19.46
C LEU F 8 -12.98 -36.63 19.71
N LEU F 9 -13.76 -36.69 18.63
CA LEU F 9 -15.20 -36.51 18.73
C LEU F 9 -15.93 -37.86 18.80
#